data_3HGD
# 
_entry.id   3HGD 
# 
_audit_conform.dict_name       mmcif_pdbx.dic 
_audit_conform.dict_version    5.387 
_audit_conform.dict_location   http://mmcif.pdb.org/dictionaries/ascii/mmcif_pdbx.dic 
# 
loop_
_database_2.database_id 
_database_2.database_code 
_database_2.pdbx_database_accession 
_database_2.pdbx_DOI 
PDB   3HGD         pdb_00003hgd 10.2210/pdb3hgd/pdb 
NDB   NA0003       ?            ?                   
RCSB  RCSB053100   ?            ?                   
WWPDB D_1000053100 ?            ?                   
# 
loop_
_pdbx_audit_revision_history.ordinal 
_pdbx_audit_revision_history.data_content_type 
_pdbx_audit_revision_history.major_revision 
_pdbx_audit_revision_history.minor_revision 
_pdbx_audit_revision_history.revision_date 
1 'Structure model' 1 0 2009-08-18 
2 'Structure model' 1 1 2011-07-13 
3 'Structure model' 1 2 2017-11-01 
4 'Structure model' 1 3 2024-02-21 
# 
_pdbx_audit_revision_details.ordinal             1 
_pdbx_audit_revision_details.revision_ordinal    1 
_pdbx_audit_revision_details.data_content_type   'Structure model' 
_pdbx_audit_revision_details.provider            repository 
_pdbx_audit_revision_details.type                'Initial release' 
_pdbx_audit_revision_details.description         ? 
_pdbx_audit_revision_details.details             ? 
# 
loop_
_pdbx_audit_revision_group.ordinal 
_pdbx_audit_revision_group.revision_ordinal 
_pdbx_audit_revision_group.data_content_type 
_pdbx_audit_revision_group.group 
1 2 'Structure model' 'Version format compliance' 
2 3 'Structure model' 'Refinement description'    
3 4 'Structure model' 'Data collection'           
4 4 'Structure model' 'Database references'       
5 4 'Structure model' 'Derived calculations'      
# 
loop_
_pdbx_audit_revision_category.ordinal 
_pdbx_audit_revision_category.revision_ordinal 
_pdbx_audit_revision_category.data_content_type 
_pdbx_audit_revision_category.category 
1 3 'Structure model' software       
2 4 'Structure model' chem_comp_atom 
3 4 'Structure model' chem_comp_bond 
4 4 'Structure model' database_2     
5 4 'Structure model' struct_conn    
# 
loop_
_pdbx_audit_revision_item.ordinal 
_pdbx_audit_revision_item.revision_ordinal 
_pdbx_audit_revision_item.data_content_type 
_pdbx_audit_revision_item.item 
1 4 'Structure model' '_database_2.pdbx_DOI'                
2 4 'Structure model' '_database_2.pdbx_database_accession' 
3 4 'Structure model' '_struct_conn.pdbx_leaving_atom_flag' 
# 
_pdbx_database_status.entry_id                        3HGD 
_pdbx_database_status.status_code                     REL 
_pdbx_database_status.deposit_site                    RCSB 
_pdbx_database_status.process_site                    RCSB 
_pdbx_database_status.recvd_initial_deposition_date   2009-05-13 
_pdbx_database_status.status_code_sf                  REL 
_pdbx_database_status.status_code_mr                  ? 
_pdbx_database_status.SG_entry                        ? 
_pdbx_database_status.pdb_format_compatible           Y 
_pdbx_database_status.status_code_cs                  ? 
_pdbx_database_status.methods_development_category    ? 
_pdbx_database_status.status_code_nmr_data            ? 
# 
loop_
_pdbx_database_related.db_name 
_pdbx_database_related.db_id 
_pdbx_database_related.details 
_pdbx_database_related.content_type 
PDB 3HG8 . unspecified 
PDB 3HGA . unspecified 
# 
loop_
_audit_author.name 
_audit_author.pdbx_ordinal 
'Sheng, J.'    1 
'Hassan, A.E.' 2 
'Zhang, W.'    3 
'Huang, Z.'    4 
# 
_citation.id                        primary 
_citation.title                     'High fidelity of base pairing by 2-selenothymidine in DNA.' 
_citation.journal_abbrev            J.Am.Chem.Soc. 
_citation.journal_volume            132 
_citation.page_first                2120 
_citation.page_last                 2121 
_citation.year                      2010 
_citation.journal_id_ASTM           JACSAT 
_citation.country                   US 
_citation.journal_id_ISSN           0002-7863 
_citation.journal_id_CSD            0004 
_citation.book_publisher            ? 
_citation.pdbx_database_id_PubMed   20108896 
_citation.pdbx_database_id_DOI      10.1021/ja909330m 
# 
loop_
_citation_author.citation_id 
_citation_author.name 
_citation_author.ordinal 
_citation_author.identifier_ORCID 
primary 'Hassan, A.E.' 1 ? 
primary 'Sheng, J.'    2 ? 
primary 'Zhang, W.'    3 ? 
primary 'Huang, Z.'    4 ? 
# 
loop_
_entity.id 
_entity.type 
_entity.src_method 
_entity.pdbx_description 
_entity.formula_weight 
_entity.pdbx_number_of_molecules 
_entity.pdbx_ec 
_entity.pdbx_mutation 
_entity.pdbx_fragment 
_entity.details 
1 polymer syn "5'-D(*GP*(UMS)P*GP*(US3)P*AP*CP*AP*C)-3'" 2568.538 2  ? ? ? '2-Se-Thymidine containing DNA' 
2 water   nat water                                      18.015   35 ? ? ? ?                               
# 
_entity_poly.entity_id                      1 
_entity_poly.type                           polydeoxyribonucleotide 
_entity_poly.nstd_linkage                   no 
_entity_poly.nstd_monomer                   yes 
_entity_poly.pdbx_seq_one_letter_code       '(DG)(UMS)(DG)(US3)(DA)(DC)(DA)(DC)' 
_entity_poly.pdbx_seq_one_letter_code_can   GUGTACAC 
_entity_poly.pdbx_strand_id                 A,B 
_entity_poly.pdbx_target_identifier         ? 
# 
_pdbx_entity_nonpoly.entity_id   2 
_pdbx_entity_nonpoly.name        water 
_pdbx_entity_nonpoly.comp_id     HOH 
# 
loop_
_entity_poly_seq.entity_id 
_entity_poly_seq.num 
_entity_poly_seq.mon_id 
_entity_poly_seq.hetero 
1 1 DG  n 
1 2 UMS n 
1 3 DG  n 
1 4 US3 n 
1 5 DA  n 
1 6 DC  n 
1 7 DA  n 
1 8 DC  n 
# 
_pdbx_entity_src_syn.entity_id              1 
_pdbx_entity_src_syn.pdbx_src_id            1 
_pdbx_entity_src_syn.pdbx_alt_source_flag   sample 
_pdbx_entity_src_syn.pdbx_beg_seq_num       ? 
_pdbx_entity_src_syn.pdbx_end_seq_num       ? 
_pdbx_entity_src_syn.organism_scientific    ? 
_pdbx_entity_src_syn.organism_common_name   ? 
_pdbx_entity_src_syn.ncbi_taxonomy_id       ? 
_pdbx_entity_src_syn.details                
'the 2-Se-thymidine residue was chemically synthesized and incorporated into DNA oligonucleotide through solid phase synthesis' 
# 
loop_
_chem_comp.id 
_chem_comp.type 
_chem_comp.mon_nstd_flag 
_chem_comp.name 
_chem_comp.pdbx_synonyms 
_chem_comp.formula 
_chem_comp.formula_weight 
DA  'DNA linking' y "2'-DEOXYADENOSINE-5'-MONOPHOSPHATE"                                                            ? 
'C10 H14 N5 O6 P'    331.222 
DC  'DNA linking' y "2'-DEOXYCYTIDINE-5'-MONOPHOSPHATE"                                                             ? 
'C9 H14 N3 O7 P'     307.197 
DG  'DNA linking' y "2'-DEOXYGUANOSINE-5'-MONOPHOSPHATE"                                                            ? 
'C10 H14 N5 O7 P'    347.221 
HOH non-polymer   . WATER                                                                                           ? 'H2 O' 
18.015  
UMS 'DNA linking' n "2'-METHYLSELENYL-2'-DEOXYURIDINE-5'-PHOSPHATE"                                                 ? 
'C10 H15 N2 O8 P Se' 401.168 
US3 'DNA linking' n '1-(2-deoxy-5-O-phosphono-beta-D-erythro-pentofuranosyl)-5-methyl-2-selanylpyrimidin-4(1H)-one' 
"2-Se-Thymidine-5'-phosphate" 'C10 H15 N2 O7 P Se' 385.169 
# 
loop_
_pdbx_poly_seq_scheme.asym_id 
_pdbx_poly_seq_scheme.entity_id 
_pdbx_poly_seq_scheme.seq_id 
_pdbx_poly_seq_scheme.mon_id 
_pdbx_poly_seq_scheme.ndb_seq_num 
_pdbx_poly_seq_scheme.pdb_seq_num 
_pdbx_poly_seq_scheme.auth_seq_num 
_pdbx_poly_seq_scheme.pdb_mon_id 
_pdbx_poly_seq_scheme.auth_mon_id 
_pdbx_poly_seq_scheme.pdb_strand_id 
_pdbx_poly_seq_scheme.pdb_ins_code 
_pdbx_poly_seq_scheme.hetero 
A 1 1 DG  1 1 1 DG  DG  A . n 
A 1 2 UMS 2 2 2 UMS UMS A . n 
A 1 3 DG  3 3 3 DG  DG  A . n 
A 1 4 US3 4 4 4 US3 US3 A . n 
A 1 5 DA  5 5 5 DA  DA  A . n 
A 1 6 DC  6 6 6 DC  DC  A . n 
A 1 7 DA  7 7 7 DA  DA  A . n 
A 1 8 DC  8 8 8 DC  DC  A . n 
B 1 1 DG  1 1 1 DG  DG  B . n 
B 1 2 UMS 2 2 2 UMS UMS B . n 
B 1 3 DG  3 3 3 DG  DG  B . n 
B 1 4 US3 4 4 4 US3 US3 B . n 
B 1 5 DA  5 5 5 DA  DA  B . n 
B 1 6 DC  6 6 6 DC  DC  B . n 
B 1 7 DA  7 7 7 DA  DA  B . n 
B 1 8 DC  8 8 8 DC  DC  B . n 
# 
loop_
_pdbx_nonpoly_scheme.asym_id 
_pdbx_nonpoly_scheme.entity_id 
_pdbx_nonpoly_scheme.mon_id 
_pdbx_nonpoly_scheme.ndb_seq_num 
_pdbx_nonpoly_scheme.pdb_seq_num 
_pdbx_nonpoly_scheme.auth_seq_num 
_pdbx_nonpoly_scheme.pdb_mon_id 
_pdbx_nonpoly_scheme.auth_mon_id 
_pdbx_nonpoly_scheme.pdb_strand_id 
_pdbx_nonpoly_scheme.pdb_ins_code 
C 2 HOH 1  24 24 HOH HOH A . 
C 2 HOH 2  31 31 HOH HOH A . 
C 2 HOH 3  35 35 HOH HOH A . 
C 2 HOH 4  38 38 HOH HOH A . 
C 2 HOH 5  41 41 HOH HOH A . 
C 2 HOH 6  46 46 HOH HOH A . 
C 2 HOH 7  50 50 HOH HOH A . 
C 2 HOH 8  60 60 HOH HOH A . 
C 2 HOH 9  69 69 HOH HOH A . 
C 2 HOH 10 71 71 HOH HOH A . 
C 2 HOH 11 80 80 HOH HOH A . 
C 2 HOH 12 88 88 HOH HOH A . 
D 2 HOH 1  12 12 HOH HOH B . 
D 2 HOH 2  13 13 HOH HOH B . 
D 2 HOH 3  14 14 HOH HOH B . 
D 2 HOH 4  22 22 HOH HOH B . 
D 2 HOH 5  23 23 HOH HOH B . 
D 2 HOH 6  26 26 HOH HOH B . 
D 2 HOH 7  30 30 HOH HOH B . 
D 2 HOH 8  32 32 HOH HOH B . 
D 2 HOH 9  33 33 HOH HOH B . 
D 2 HOH 10 36 36 HOH HOH B . 
D 2 HOH 11 37 37 HOH HOH B . 
D 2 HOH 12 39 39 HOH HOH B . 
D 2 HOH 13 44 44 HOH HOH B . 
D 2 HOH 14 45 45 HOH HOH B . 
D 2 HOH 15 48 48 HOH HOH B . 
D 2 HOH 16 53 53 HOH HOH B . 
D 2 HOH 17 58 58 HOH HOH B . 
D 2 HOH 18 59 59 HOH HOH B . 
D 2 HOH 19 64 64 HOH HOH B . 
D 2 HOH 20 72 72 HOH HOH B . 
D 2 HOH 21 76 76 HOH HOH B . 
D 2 HOH 22 83 83 HOH HOH B . 
D 2 HOH 23 90 90 HOH HOH B . 
# 
loop_
_software.pdbx_ordinal 
_software.name 
_software.version 
_software.date 
_software.type 
_software.contact_author 
_software.contact_author_email 
_software.classification 
_software.location 
_software.language 
_software.citation_id 
1 DENZO       .     ?               package 'Zbyszek Otwinowski' hkl@hkl-xray.com      'data reduction'  http://www.hkl-xray.com/ 
?          ? 
2 SCALEPACK   .     ?               package 'Zbyszek Otwinowski' hkl@hkl-xray.com      'data scaling'    http://www.hkl-xray.com/ 
?          ? 
3 CNS         .     ?               package 'Axel T. Brunger'    axel.brunger@yale.edu refinement        http://cns-online.org/ 
Fortran_77 ? 
4 PDB_EXTRACT 3.005 'June 11, 2008' package PDB                  help@deposit.rcsb.org 'data extraction' 
http://sw-tools.pdb.org/apps/PDB_EXTRACT/ C++        ? 
5 CBASS       .     ?               ?       ?                    ?                     'data collection' ? ?          ? 
6 HKL-2000    .     ?               ?       ?                    ?                     'data reduction'  ? ?          ? 
7 HKL-2000    .     ?               ?       ?                    ?                     'data scaling'    ? ?          ? 
8 CNS         .     ?               ?       ?                    ?                     phasing           ? ?          ? 
# 
_cell.entry_id           3HGD 
_cell.length_a           45.828 
_cell.length_b           45.828 
_cell.length_c           42.501 
_cell.angle_alpha        90.00 
_cell.angle_beta         90.00 
_cell.angle_gamma        120.00 
_cell.Z_PDB              12 
_cell.pdbx_unique_axis   ? 
_cell.length_a_esd       ? 
_cell.length_b_esd       ? 
_cell.length_c_esd       ? 
_cell.angle_alpha_esd    ? 
_cell.angle_beta_esd     ? 
_cell.angle_gamma_esd    ? 
# 
_symmetry.entry_id                         3HGD 
_symmetry.space_group_name_H-M             'P 61' 
_symmetry.pdbx_full_space_group_name_H-M   ? 
_symmetry.cell_setting                     ? 
_symmetry.Int_Tables_number                169 
_symmetry.space_group_name_Hall            ? 
# 
_exptl.entry_id          3HGD 
_exptl.method            'X-RAY DIFFRACTION' 
_exptl.crystals_number   1 
# 
_exptl_crystal.id                    1 
_exptl_crystal.density_meas          ? 
_exptl_crystal.density_Matthews      2.51 
_exptl_crystal.density_percent_sol   50.96 
_exptl_crystal.description           ? 
_exptl_crystal.F_000                 ? 
_exptl_crystal.preparation           ? 
# 
_exptl_crystal_grow.crystal_id      1 
_exptl_crystal_grow.method          'VAPOR DIFFUSION, HANGING DROP' 
_exptl_crystal_grow.temp            298 
_exptl_crystal_grow.temp_details    ? 
_exptl_crystal_grow.pH              ? 
_exptl_crystal_grow.pdbx_pH_range   ? 
_exptl_crystal_grow.pdbx_details    'MPD,sodium cacodylate,spermine tetra-HCl, vapor diffusion, hanging drop, temperature 298K' 
# 
_diffrn.id                     1 
_diffrn.ambient_temp           100 
_diffrn.ambient_temp_details   ? 
_diffrn.crystal_id             1 
# 
_diffrn_detector.diffrn_id              1 
_diffrn_detector.detector               CCD 
_diffrn_detector.type                   'ADSC Q210' 
_diffrn_detector.pdbx_collection_date   2008-12-07 
_diffrn_detector.details                ? 
# 
_diffrn_radiation.diffrn_id                        1 
_diffrn_radiation.wavelength_id                    1 
_diffrn_radiation.pdbx_monochromatic_or_laue_m_l   ? 
_diffrn_radiation.monochromator                    'Si(111)' 
_diffrn_radiation.pdbx_diffrn_protocol             SAD 
_diffrn_radiation.pdbx_scattering_type             x-ray 
# 
_diffrn_radiation_wavelength.id           1 
_diffrn_radiation_wavelength.wavelength   0.9795 
_diffrn_radiation_wavelength.wt           1.0 
# 
_diffrn_source.diffrn_id                   1 
_diffrn_source.source                      SYNCHROTRON 
_diffrn_source.type                        'NSLS BEAMLINE X12C' 
_diffrn_source.pdbx_synchrotron_site       NSLS 
_diffrn_source.pdbx_synchrotron_beamline   X12C 
_diffrn_source.pdbx_wavelength             ? 
_diffrn_source.pdbx_wavelength_list        0.9795 
# 
_reflns.entry_id                     3HGD 
_reflns.observed_criterion_sigma_I   ? 
_reflns.observed_criterion_sigma_F   ? 
_reflns.d_resolution_low             50.000 
_reflns.d_resolution_high            1.570 
_reflns.number_obs                   6839 
_reflns.number_all                   ? 
_reflns.percent_possible_obs         95.100 
_reflns.pdbx_Rmerge_I_obs            0.091 
_reflns.pdbx_Rsym_value              ? 
_reflns.pdbx_netI_over_sigmaI        21.159 
_reflns.B_iso_Wilson_estimate        ? 
_reflns.pdbx_redundancy              17.000 
_reflns.R_free_details               ? 
_reflns.pdbx_chi_squared             ? 
_reflns.pdbx_scaling_rejects         ? 
_reflns.pdbx_diffrn_id               1 
_reflns.pdbx_ordinal                 1 
# 
loop_
_reflns_shell.d_res_high 
_reflns_shell.d_res_low 
_reflns_shell.percent_possible_all 
_reflns_shell.Rmerge_I_obs 
_reflns_shell.pdbx_Rsym_value 
_reflns_shell.meanI_over_sigI_obs 
_reflns_shell.pdbx_redundancy 
_reflns_shell.percent_possible_obs 
_reflns_shell.number_unique_all 
_reflns_shell.number_measured_all 
_reflns_shell.number_measured_obs 
_reflns_shell.number_unique_obs 
_reflns_shell.pdbx_chi_squared 
_reflns_shell.pdbx_diffrn_id 
_reflns_shell.pdbx_ordinal 
1.57 1.64  74.90  0.607 ? ? 6.60  ? ? ? ? ? ? ? 1  
1.64 1.70  85.30  0.419 ? ? 8.70  ? ? ? ? ? ? ? 2  
1.70 1.78  96.30  0.271 ? ? 11.10 ? ? ? ? ? ? ? 3  
1.78 1.87  100.00 0.229 ? ? 15.50 ? ? ? ? ? ? ? 4  
1.87 1.99  100.00 0.192 ? ? 21.40 ? ? ? ? ? ? ? 5  
1.99 2.14  100.00 0.161 ? ? 21.70 ? ? ? ? ? ? ? 6  
2.14 2.36  100.00 0.142 ? ? 21.70 ? ? ? ? ? ? ? 7  
2.36 2.70  100.00 0.118 ? ? 21.70 ? ? ? ? ? ? ? 8  
2.70 3.40  99.60  0.088 ? ? 20.90 ? ? ? ? ? ? ? 9  
3.40 50.00 94.80  0.071 ? ? 16.80 ? ? ? ? ? ? ? 10 
# 
_refine.pdbx_refine_id                           'X-RAY DIFFRACTION' 
_refine.entry_id                                 3HGD 
_refine.ls_number_reflns_obs                     6688 
_refine.ls_number_reflns_all                     ? 
_refine.pdbx_ls_sigma_I                          ? 
_refine.pdbx_ls_sigma_F                          0.00 
_refine.pdbx_data_cutoff_high_absF               ? 
_refine.pdbx_data_cutoff_low_absF                ? 
_refine.pdbx_data_cutoff_high_rms_absF           ? 
_refine.ls_d_res_low                             50.000 
_refine.ls_d_res_high                            1.570 
_refine.ls_percent_reflns_obs                    93.300 
_refine.ls_R_factor_obs                          0.204 
_refine.ls_R_factor_all                          ? 
_refine.ls_R_factor_R_work                       0.204 
_refine.ls_R_factor_R_free                       0.220 
_refine.ls_R_factor_R_free_error                 ? 
_refine.ls_R_factor_R_free_error_details         ? 
_refine.ls_percent_reflns_R_free                 10.100 
_refine.ls_number_reflns_R_free                  725 
_refine.ls_number_parameters                     ? 
_refine.ls_number_restraints                     ? 
_refine.occupancy_min                            0.70 
_refine.occupancy_max                            1.00 
_refine.correlation_coeff_Fo_to_Fc               ? 
_refine.correlation_coeff_Fo_to_Fc_free          ? 
_refine.B_iso_mean                               27.420 
_refine.aniso_B[1][1]                            0.090 
_refine.aniso_B[2][2]                            0.090 
_refine.aniso_B[3][3]                            -0.179 
_refine.aniso_B[1][2]                            0.292 
_refine.aniso_B[1][3]                            0.000 
_refine.aniso_B[2][3]                            0.000 
_refine.solvent_model_details                    ? 
_refine.solvent_model_param_ksol                 ? 
_refine.solvent_model_param_bsol                 56.701 
_refine.pdbx_solvent_vdw_probe_radii             ? 
_refine.pdbx_solvent_ion_probe_radii             ? 
_refine.pdbx_solvent_shrinkage_radii             ? 
_refine.pdbx_ls_cross_valid_method               ? 
_refine.details                                  ? 
_refine.pdbx_starting_model                      ? 
_refine.pdbx_method_to_determine_struct          'MOLECULAR REPLACEMENT' 
_refine.pdbx_isotropic_thermal_model             ? 
_refine.pdbx_stereochemistry_target_values       ? 
_refine.pdbx_stereochem_target_val_spec_case     ? 
_refine.pdbx_R_Free_selection_details            ? 
_refine.pdbx_overall_ESU_R                       ? 
_refine.pdbx_overall_ESU_R_Free                  ? 
_refine.overall_SU_ML                            ? 
_refine.pdbx_overall_phase_error                 ? 
_refine.overall_SU_B                             ? 
_refine.ls_redundancy_reflns_obs                 ? 
_refine.overall_SU_R_Cruickshank_DPI             ? 
_refine.overall_SU_R_free                        ? 
_refine.ls_wR_factor_R_free                      ? 
_refine.ls_wR_factor_R_work                      ? 
_refine.overall_FOM_free_R_set                   ? 
_refine.overall_FOM_work_R_set                   ? 
_refine.pdbx_diffrn_id                           1 
_refine.pdbx_TLS_residual_ADP_flag               ? 
_refine.pdbx_overall_SU_R_free_Cruickshank_DPI   ? 
_refine.pdbx_overall_SU_R_Blow_DPI               ? 
_refine.pdbx_overall_SU_R_free_Blow_DPI          ? 
# 
_refine_hist.pdbx_refine_id                   'X-RAY DIFFRACTION' 
_refine_hist.cycle_id                         LAST 
_refine_hist.pdbx_number_atoms_protein        0 
_refine_hist.pdbx_number_atoms_nucleic_acid   324 
_refine_hist.pdbx_number_atoms_ligand         0 
_refine_hist.number_atoms_solvent             35 
_refine_hist.number_atoms_total               359 
_refine_hist.d_res_high                       1.570 
_refine_hist.d_res_low                        50.000 
# 
loop_
_refine_ls_restr.type 
_refine_ls_restr.dev_ideal 
_refine_ls_restr.dev_ideal_target 
_refine_ls_restr.weight 
_refine_ls_restr.number 
_refine_ls_restr.pdbx_refine_id 
_refine_ls_restr.pdbx_restraint_function 
c_bond_d                ?     ?     ? ? 'X-RAY DIFFRACTION' ? 
c_bond_d_na             ?     ?     ? ? 'X-RAY DIFFRACTION' ? 
c_bond_d_prot           ?     ?     ? ? 'X-RAY DIFFRACTION' ? 
c_angle_d               ?     ?     ? ? 'X-RAY DIFFRACTION' ? 
c_angle_d_na            ?     ?     ? ? 'X-RAY DIFFRACTION' ? 
c_angle_d_prot          ?     ?     ? ? 'X-RAY DIFFRACTION' ? 
c_angle_deg             ?     ?     ? ? 'X-RAY DIFFRACTION' ? 
c_angle_deg_na          ?     ?     ? ? 'X-RAY DIFFRACTION' ? 
c_angle_deg_prot        ?     ?     ? ? 'X-RAY DIFFRACTION' ? 
c_dihedral_angle_d      ?     ?     ? ? 'X-RAY DIFFRACTION' ? 
c_dihedral_angle_d_na   ?     ?     ? ? 'X-RAY DIFFRACTION' ? 
c_dihedral_angle_d_prot ?     ?     ? ? 'X-RAY DIFFRACTION' ? 
c_improper_angle_d      ?     ?     ? ? 'X-RAY DIFFRACTION' ? 
c_improper_angle_d_na   ?     ?     ? ? 'X-RAY DIFFRACTION' ? 
c_improper_angle_d_prot ?     ?     ? ? 'X-RAY DIFFRACTION' ? 
c_mcbond_it             0.000 1.500 ? ? 'X-RAY DIFFRACTION' ? 
c_mcangle_it            0.000 2.000 ? ? 'X-RAY DIFFRACTION' ? 
c_scbond_it             1.567 2.000 ? ? 'X-RAY DIFFRACTION' ? 
c_scangle_it            2.266 2.500 ? ? 'X-RAY DIFFRACTION' ? 
# 
loop_
_pdbx_xplor_file.pdbx_refine_id 
_pdbx_xplor_file.serial_no 
_pdbx_xplor_file.param_file 
_pdbx_xplor_file.topol_file 
'X-RAY DIFFRACTION' 1 dna-rna_rep_jia.param      ? 
'X-RAY DIFFRACTION' 2 CNS_TOPPAR:water_rep.param ? 
# 
_struct.entry_id                  3HGD 
_struct.title                     'Crystal Structure of 2-Se-Thymidine Derivatized DNA' 
_struct.pdbx_model_details        ? 
_struct.pdbx_CASP_flag            ? 
_struct.pdbx_model_type_details   ? 
# 
_struct_keywords.entry_id        3HGD 
_struct_keywords.text            '2-Se-thymidine DNA, DNA' 
_struct_keywords.pdbx_keywords   DNA 
# 
loop_
_struct_asym.id 
_struct_asym.pdbx_blank_PDB_chainid_flag 
_struct_asym.pdbx_modified 
_struct_asym.entity_id 
_struct_asym.details 
A N N 1 ? 
B N N 1 ? 
C N N 2 ? 
D N N 2 ? 
# 
_struct_ref.id                         1 
_struct_ref.db_name                    PDB 
_struct_ref.db_code                    3HGD 
_struct_ref.pdbx_db_accession          3HGD 
_struct_ref.entity_id                  1 
_struct_ref.pdbx_align_begin           ? 
_struct_ref.pdbx_seq_one_letter_code   GUGUACAC 
_struct_ref.pdbx_db_isoform            ? 
# 
loop_
_struct_ref_seq.align_id 
_struct_ref_seq.ref_id 
_struct_ref_seq.pdbx_PDB_id_code 
_struct_ref_seq.pdbx_strand_id 
_struct_ref_seq.seq_align_beg 
_struct_ref_seq.pdbx_seq_align_beg_ins_code 
_struct_ref_seq.seq_align_end 
_struct_ref_seq.pdbx_seq_align_end_ins_code 
_struct_ref_seq.pdbx_db_accession 
_struct_ref_seq.db_align_beg 
_struct_ref_seq.pdbx_db_align_beg_ins_code 
_struct_ref_seq.db_align_end 
_struct_ref_seq.pdbx_db_align_end_ins_code 
_struct_ref_seq.pdbx_auth_seq_align_beg 
_struct_ref_seq.pdbx_auth_seq_align_end 
1 1 3HGD A 1 ? 8 ? 3HGD 1 ? 8 ? 1 8 
2 1 3HGD B 1 ? 8 ? 3HGD 1 ? 8 ? 1 8 
# 
_pdbx_struct_assembly.id                   1 
_pdbx_struct_assembly.details              author_and_software_defined_assembly 
_pdbx_struct_assembly.method_details       PISA 
_pdbx_struct_assembly.oligomeric_details   dimeric 
_pdbx_struct_assembly.oligomeric_count     2 
# 
loop_
_pdbx_struct_assembly_prop.biol_id 
_pdbx_struct_assembly_prop.type 
_pdbx_struct_assembly_prop.value 
_pdbx_struct_assembly_prop.details 
1 'ABSA (A^2)' 1920 ? 
1 MORE         6    ? 
1 'SSA (A^2)'  2850 ? 
# 
_pdbx_struct_assembly_gen.assembly_id       1 
_pdbx_struct_assembly_gen.oper_expression   1 
_pdbx_struct_assembly_gen.asym_id_list      A,B,C,D 
# 
_pdbx_struct_oper_list.id                   1 
_pdbx_struct_oper_list.type                 'identity operation' 
_pdbx_struct_oper_list.name                 1_555 
_pdbx_struct_oper_list.symmetry_operation   x,y,z 
_pdbx_struct_oper_list.matrix[1][1]         1.0000000000 
_pdbx_struct_oper_list.matrix[1][2]         0.0000000000 
_pdbx_struct_oper_list.matrix[1][3]         0.0000000000 
_pdbx_struct_oper_list.vector[1]            0.0000000000 
_pdbx_struct_oper_list.matrix[2][1]         0.0000000000 
_pdbx_struct_oper_list.matrix[2][2]         1.0000000000 
_pdbx_struct_oper_list.matrix[2][3]         0.0000000000 
_pdbx_struct_oper_list.vector[2]            0.0000000000 
_pdbx_struct_oper_list.matrix[3][1]         0.0000000000 
_pdbx_struct_oper_list.matrix[3][2]         0.0000000000 
_pdbx_struct_oper_list.matrix[3][3]         1.0000000000 
_pdbx_struct_oper_list.vector[3]            0.0000000000 
# 
_struct_biol.id        1 
_struct_biol.details   ? 
# 
loop_
_struct_conn.id 
_struct_conn.conn_type_id 
_struct_conn.pdbx_leaving_atom_flag 
_struct_conn.pdbx_PDB_id 
_struct_conn.ptnr1_label_asym_id 
_struct_conn.ptnr1_label_comp_id 
_struct_conn.ptnr1_label_seq_id 
_struct_conn.ptnr1_label_atom_id 
_struct_conn.pdbx_ptnr1_label_alt_id 
_struct_conn.pdbx_ptnr1_PDB_ins_code 
_struct_conn.pdbx_ptnr1_standard_comp_id 
_struct_conn.ptnr1_symmetry 
_struct_conn.ptnr2_label_asym_id 
_struct_conn.ptnr2_label_comp_id 
_struct_conn.ptnr2_label_seq_id 
_struct_conn.ptnr2_label_atom_id 
_struct_conn.pdbx_ptnr2_label_alt_id 
_struct_conn.pdbx_ptnr2_PDB_ins_code 
_struct_conn.ptnr1_auth_asym_id 
_struct_conn.ptnr1_auth_comp_id 
_struct_conn.ptnr1_auth_seq_id 
_struct_conn.ptnr2_auth_asym_id 
_struct_conn.ptnr2_auth_comp_id 
_struct_conn.ptnr2_auth_seq_id 
_struct_conn.ptnr2_symmetry 
_struct_conn.pdbx_ptnr3_label_atom_id 
_struct_conn.pdbx_ptnr3_label_seq_id 
_struct_conn.pdbx_ptnr3_label_comp_id 
_struct_conn.pdbx_ptnr3_label_asym_id 
_struct_conn.pdbx_ptnr3_label_alt_id 
_struct_conn.pdbx_ptnr3_PDB_ins_code 
_struct_conn.details 
_struct_conn.pdbx_dist_value 
_struct_conn.pdbx_value_order 
_struct_conn.pdbx_role 
covale1  covale both ? A DG  1 "O3'" ? ? ? 1_555 A UMS 2 P  ? ? A DG  1 A UMS 2 1_555 ? ? ? ? ? ? ?            1.608 ? ? 
covale2  covale both ? A UMS 2 "O3'" ? ? ? 1_555 A DG  3 P  ? ? A UMS 2 A DG  3 1_555 ? ? ? ? ? ? ?            1.607 ? ? 
covale3  covale both ? A DG  3 "O3'" ? ? ? 1_555 A US3 4 P  ? ? A DG  3 A US3 4 1_555 ? ? ? ? ? ? ?            1.608 ? ? 
covale4  covale one  ? A US3 4 "O3'" ? ? ? 1_555 A DA  5 P  ? ? A US3 4 A DA  5 1_555 ? ? ? ? ? ? ?            1.612 ? ? 
covale5  covale both ? B DG  1 "O3'" ? ? ? 1_555 B UMS 2 P  ? ? B DG  1 B UMS 2 1_555 ? ? ? ? ? ? ?            1.606 ? ? 
covale6  covale both ? B UMS 2 "O3'" ? ? ? 1_555 B DG  3 P  ? ? B UMS 2 B DG  3 1_555 ? ? ? ? ? ? ?            1.608 ? ? 
covale7  covale both ? B DG  3 "O3'" ? ? ? 1_555 B US3 4 P  ? ? B DG  3 B US3 4 1_555 ? ? ? ? ? ? ?            1.610 ? ? 
covale8  covale one  ? B US3 4 "O3'" ? ? ? 1_555 B DA  5 P  ? ? B US3 4 B DA  5 1_555 ? ? ? ? ? ? ?            1.604 ? ? 
hydrog1  hydrog ?    ? A DG  1 N1    ? ? ? 1_555 B DC  8 N3 ? ? A DG  1 B DC  8 1_555 ? ? ? ? ? ? WATSON-CRICK ?     ? ? 
hydrog2  hydrog ?    ? A DG  1 N2    ? ? ? 1_555 B DC  8 O2 ? ? A DG  1 B DC  8 1_555 ? ? ? ? ? ? WATSON-CRICK ?     ? ? 
hydrog3  hydrog ?    ? A DG  1 O6    ? ? ? 1_555 B DC  8 N4 ? ? A DG  1 B DC  8 1_555 ? ? ? ? ? ? WATSON-CRICK ?     ? ? 
hydrog4  hydrog ?    ? A UMS 2 N3    ? ? ? 1_555 B DA  7 N1 ? ? A UMS 2 B DA  7 1_555 ? ? ? ? ? ? WATSON-CRICK ?     ? ? 
hydrog5  hydrog ?    ? A UMS 2 O4    ? ? ? 1_555 B DA  7 N6 ? ? A UMS 2 B DA  7 1_555 ? ? ? ? ? ? WATSON-CRICK ?     ? ? 
hydrog6  hydrog ?    ? A DG  3 N1    ? ? ? 1_555 B DC  6 N3 ? ? A DG  3 B DC  6 1_555 ? ? ? ? ? ? WATSON-CRICK ?     ? ? 
hydrog7  hydrog ?    ? A DG  3 N2    ? ? ? 1_555 B DC  6 O2 ? ? A DG  3 B DC  6 1_555 ? ? ? ? ? ? WATSON-CRICK ?     ? ? 
hydrog8  hydrog ?    ? A DG  3 O6    ? ? ? 1_555 B DC  6 N4 ? ? A DG  3 B DC  6 1_555 ? ? ? ? ? ? WATSON-CRICK ?     ? ? 
hydrog9  hydrog ?    ? A US3 4 N3    ? ? ? 1_555 B DA  5 N1 ? ? A US3 4 B DA  5 1_555 ? ? ? ? ? ? WATSON-CRICK ?     ? ? 
hydrog10 hydrog ?    ? A US3 4 O4    ? ? ? 1_555 B DA  5 N6 ? ? A US3 4 B DA  5 1_555 ? ? ? ? ? ? WATSON-CRICK ?     ? ? 
hydrog11 hydrog ?    ? A DA  5 N1    ? ? ? 1_555 B US3 4 N3 ? ? A DA  5 B US3 4 1_555 ? ? ? ? ? ? WATSON-CRICK ?     ? ? 
hydrog12 hydrog ?    ? A DA  5 N6    ? ? ? 1_555 B US3 4 O4 ? ? A DA  5 B US3 4 1_555 ? ? ? ? ? ? WATSON-CRICK ?     ? ? 
hydrog13 hydrog ?    ? A DC  6 N3    ? ? ? 1_555 B DG  3 N1 ? ? A DC  6 B DG  3 1_555 ? ? ? ? ? ? WATSON-CRICK ?     ? ? 
hydrog14 hydrog ?    ? A DC  6 N4    ? ? ? 1_555 B DG  3 O6 ? ? A DC  6 B DG  3 1_555 ? ? ? ? ? ? WATSON-CRICK ?     ? ? 
hydrog15 hydrog ?    ? A DC  6 O2    ? ? ? 1_555 B DG  3 N2 ? ? A DC  6 B DG  3 1_555 ? ? ? ? ? ? WATSON-CRICK ?     ? ? 
hydrog16 hydrog ?    ? A DA  7 N1    ? ? ? 1_555 B UMS 2 N3 ? ? A DA  7 B UMS 2 1_555 ? ? ? ? ? ? WATSON-CRICK ?     ? ? 
hydrog17 hydrog ?    ? A DA  7 N6    ? ? ? 1_555 B UMS 2 O4 ? ? A DA  7 B UMS 2 1_555 ? ? ? ? ? ? WATSON-CRICK ?     ? ? 
hydrog18 hydrog ?    ? A DC  8 N3    ? ? ? 1_555 B DG  1 N1 ? ? A DC  8 B DG  1 1_555 ? ? ? ? ? ? WATSON-CRICK ?     ? ? 
hydrog19 hydrog ?    ? A DC  8 N4    ? ? ? 1_555 B DG  1 O6 ? ? A DC  8 B DG  1 1_555 ? ? ? ? ? ? WATSON-CRICK ?     ? ? 
hydrog20 hydrog ?    ? A DC  8 O2    ? ? ? 1_555 B DG  1 N2 ? ? A DC  8 B DG  1 1_555 ? ? ? ? ? ? WATSON-CRICK ?     ? ? 
# 
loop_
_struct_conn_type.id 
_struct_conn_type.criteria 
_struct_conn_type.reference 
covale ? ? 
hydrog ? ? 
# 
loop_
_pdbx_struct_mod_residue.id 
_pdbx_struct_mod_residue.label_asym_id 
_pdbx_struct_mod_residue.label_comp_id 
_pdbx_struct_mod_residue.label_seq_id 
_pdbx_struct_mod_residue.auth_asym_id 
_pdbx_struct_mod_residue.auth_comp_id 
_pdbx_struct_mod_residue.auth_seq_id 
_pdbx_struct_mod_residue.PDB_ins_code 
_pdbx_struct_mod_residue.parent_comp_id 
_pdbx_struct_mod_residue.details 
1 A UMS 2 A UMS 2 ? DU ? 
2 A US3 4 A US3 4 ? DT ? 
3 B UMS 2 B UMS 2 ? DU ? 
4 B US3 4 B US3 4 ? DT ? 
# 
_phasing.method   MR 
# 
loop_
_chem_comp_atom.comp_id 
_chem_comp_atom.atom_id 
_chem_comp_atom.type_symbol 
_chem_comp_atom.pdbx_aromatic_flag 
_chem_comp_atom.pdbx_stereo_config 
_chem_comp_atom.pdbx_ordinal 
DA  OP3    O  N N 1   
DA  P      P  N N 2   
DA  OP1    O  N N 3   
DA  OP2    O  N N 4   
DA  "O5'"  O  N N 5   
DA  "C5'"  C  N N 6   
DA  "C4'"  C  N R 7   
DA  "O4'"  O  N N 8   
DA  "C3'"  C  N S 9   
DA  "O3'"  O  N N 10  
DA  "C2'"  C  N N 11  
DA  "C1'"  C  N R 12  
DA  N9     N  Y N 13  
DA  C8     C  Y N 14  
DA  N7     N  Y N 15  
DA  C5     C  Y N 16  
DA  C6     C  Y N 17  
DA  N6     N  N N 18  
DA  N1     N  Y N 19  
DA  C2     C  Y N 20  
DA  N3     N  Y N 21  
DA  C4     C  Y N 22  
DA  HOP3   H  N N 23  
DA  HOP2   H  N N 24  
DA  "H5'"  H  N N 25  
DA  "H5''" H  N N 26  
DA  "H4'"  H  N N 27  
DA  "H3'"  H  N N 28  
DA  "HO3'" H  N N 29  
DA  "H2'"  H  N N 30  
DA  "H2''" H  N N 31  
DA  "H1'"  H  N N 32  
DA  H8     H  N N 33  
DA  H61    H  N N 34  
DA  H62    H  N N 35  
DA  H2     H  N N 36  
DC  OP3    O  N N 37  
DC  P      P  N N 38  
DC  OP1    O  N N 39  
DC  OP2    O  N N 40  
DC  "O5'"  O  N N 41  
DC  "C5'"  C  N N 42  
DC  "C4'"  C  N R 43  
DC  "O4'"  O  N N 44  
DC  "C3'"  C  N S 45  
DC  "O3'"  O  N N 46  
DC  "C2'"  C  N N 47  
DC  "C1'"  C  N R 48  
DC  N1     N  N N 49  
DC  C2     C  N N 50  
DC  O2     O  N N 51  
DC  N3     N  N N 52  
DC  C4     C  N N 53  
DC  N4     N  N N 54  
DC  C5     C  N N 55  
DC  C6     C  N N 56  
DC  HOP3   H  N N 57  
DC  HOP2   H  N N 58  
DC  "H5'"  H  N N 59  
DC  "H5''" H  N N 60  
DC  "H4'"  H  N N 61  
DC  "H3'"  H  N N 62  
DC  "HO3'" H  N N 63  
DC  "H2'"  H  N N 64  
DC  "H2''" H  N N 65  
DC  "H1'"  H  N N 66  
DC  H41    H  N N 67  
DC  H42    H  N N 68  
DC  H5     H  N N 69  
DC  H6     H  N N 70  
DG  OP3    O  N N 71  
DG  P      P  N N 72  
DG  OP1    O  N N 73  
DG  OP2    O  N N 74  
DG  "O5'"  O  N N 75  
DG  "C5'"  C  N N 76  
DG  "C4'"  C  N R 77  
DG  "O4'"  O  N N 78  
DG  "C3'"  C  N S 79  
DG  "O3'"  O  N N 80  
DG  "C2'"  C  N N 81  
DG  "C1'"  C  N R 82  
DG  N9     N  Y N 83  
DG  C8     C  Y N 84  
DG  N7     N  Y N 85  
DG  C5     C  Y N 86  
DG  C6     C  N N 87  
DG  O6     O  N N 88  
DG  N1     N  N N 89  
DG  C2     C  N N 90  
DG  N2     N  N N 91  
DG  N3     N  N N 92  
DG  C4     C  Y N 93  
DG  HOP3   H  N N 94  
DG  HOP2   H  N N 95  
DG  "H5'"  H  N N 96  
DG  "H5''" H  N N 97  
DG  "H4'"  H  N N 98  
DG  "H3'"  H  N N 99  
DG  "HO3'" H  N N 100 
DG  "H2'"  H  N N 101 
DG  "H2''" H  N N 102 
DG  "H1'"  H  N N 103 
DG  H8     H  N N 104 
DG  H1     H  N N 105 
DG  H21    H  N N 106 
DG  H22    H  N N 107 
HOH O      O  N N 108 
HOH H1     H  N N 109 
HOH H2     H  N N 110 
UMS OP3    O  N N 111 
UMS P      P  N N 112 
UMS OP1    O  N N 113 
UMS OP2    O  N N 114 
UMS "O5'"  O  N N 115 
UMS "C5'"  C  N N 116 
UMS "C4'"  C  N R 117 
UMS "O4'"  O  N N 118 
UMS "C3'"  C  N R 119 
UMS "O3'"  O  N N 120 
UMS "C2'"  C  N R 121 
UMS "SE2'" SE N N 122 
UMS "C1'"  C  N R 123 
UMS "CA'"  C  N N 124 
UMS N1     N  N N 125 
UMS C2     C  N N 126 
UMS O2     O  N N 127 
UMS N3     N  N N 128 
UMS C4     C  N N 129 
UMS O4     O  N N 130 
UMS C5     C  N N 131 
UMS C6     C  N N 132 
UMS HOP3   H  N N 133 
UMS HOP2   H  N N 134 
UMS "H5'"  H  N N 135 
UMS "H5'2" H  N N 136 
UMS "H4'"  H  N N 137 
UMS "H3'"  H  N N 138 
UMS "HO3'" H  N N 139 
UMS "H2'"  H  N N 140 
UMS "H1'"  H  N N 141 
UMS "HA'"  H  N N 142 
UMS "HA'2" H  N N 143 
UMS "HA'3" H  N N 144 
UMS H3     H  N N 145 
UMS H5     H  N N 146 
UMS H6     H  N N 147 
US3 P      P  N N 148 
US3 N1     N  N N 149 
US3 C2     C  N N 150 
US3 SE2    SE N N 151 
US3 N3     N  N N 152 
US3 C4     C  N N 153 
US3 O4     O  N N 154 
US3 C5     C  N N 155 
US3 C6     C  N N 156 
US3 "C1'"  C  N R 157 
US3 OP3    O  N N 158 
US3 "C2'"  C  N N 159 
US3 OP2    O  N N 160 
US3 "C3'"  C  N S 161 
US3 "O3'"  O  N N 162 
US3 "C4'"  C  N R 163 
US3 "O4'"  O  N N 164 
US3 "C5'"  C  N N 165 
US3 "O5'"  O  N N 166 
US3 C5A    C  N N 167 
US3 H6     H  N N 168 
US3 "H1'"  H  N N 169 
US3 HOP3   H  N N 170 
US3 "H2'"  H  N N 171 
US3 "H2'A" H  N N 172 
US3 HOP2   H  N N 173 
US3 "H3'"  H  N N 174 
US3 "HO3'" H  N N 175 
US3 "H4'"  H  N N 176 
US3 "H5'"  H  N N 177 
US3 "H5'A" H  N N 178 
US3 H5A    H  N N 179 
US3 H5AA   H  N N 180 
US3 H5AB   H  N N 181 
US3 HSE2   H  N N 182 
US3 OP1    O  N N 183 
# 
loop_
_chem_comp_bond.comp_id 
_chem_comp_bond.atom_id_1 
_chem_comp_bond.atom_id_2 
_chem_comp_bond.value_order 
_chem_comp_bond.pdbx_aromatic_flag 
_chem_comp_bond.pdbx_stereo_config 
_chem_comp_bond.pdbx_ordinal 
DA  OP3    P      sing N N 1   
DA  OP3    HOP3   sing N N 2   
DA  P      OP1    doub N N 3   
DA  P      OP2    sing N N 4   
DA  P      "O5'"  sing N N 5   
DA  OP2    HOP2   sing N N 6   
DA  "O5'"  "C5'"  sing N N 7   
DA  "C5'"  "C4'"  sing N N 8   
DA  "C5'"  "H5'"  sing N N 9   
DA  "C5'"  "H5''" sing N N 10  
DA  "C4'"  "O4'"  sing N N 11  
DA  "C4'"  "C3'"  sing N N 12  
DA  "C4'"  "H4'"  sing N N 13  
DA  "O4'"  "C1'"  sing N N 14  
DA  "C3'"  "O3'"  sing N N 15  
DA  "C3'"  "C2'"  sing N N 16  
DA  "C3'"  "H3'"  sing N N 17  
DA  "O3'"  "HO3'" sing N N 18  
DA  "C2'"  "C1'"  sing N N 19  
DA  "C2'"  "H2'"  sing N N 20  
DA  "C2'"  "H2''" sing N N 21  
DA  "C1'"  N9     sing N N 22  
DA  "C1'"  "H1'"  sing N N 23  
DA  N9     C8     sing Y N 24  
DA  N9     C4     sing Y N 25  
DA  C8     N7     doub Y N 26  
DA  C8     H8     sing N N 27  
DA  N7     C5     sing Y N 28  
DA  C5     C6     sing Y N 29  
DA  C5     C4     doub Y N 30  
DA  C6     N6     sing N N 31  
DA  C6     N1     doub Y N 32  
DA  N6     H61    sing N N 33  
DA  N6     H62    sing N N 34  
DA  N1     C2     sing Y N 35  
DA  C2     N3     doub Y N 36  
DA  C2     H2     sing N N 37  
DA  N3     C4     sing Y N 38  
DC  OP3    P      sing N N 39  
DC  OP3    HOP3   sing N N 40  
DC  P      OP1    doub N N 41  
DC  P      OP2    sing N N 42  
DC  P      "O5'"  sing N N 43  
DC  OP2    HOP2   sing N N 44  
DC  "O5'"  "C5'"  sing N N 45  
DC  "C5'"  "C4'"  sing N N 46  
DC  "C5'"  "H5'"  sing N N 47  
DC  "C5'"  "H5''" sing N N 48  
DC  "C4'"  "O4'"  sing N N 49  
DC  "C4'"  "C3'"  sing N N 50  
DC  "C4'"  "H4'"  sing N N 51  
DC  "O4'"  "C1'"  sing N N 52  
DC  "C3'"  "O3'"  sing N N 53  
DC  "C3'"  "C2'"  sing N N 54  
DC  "C3'"  "H3'"  sing N N 55  
DC  "O3'"  "HO3'" sing N N 56  
DC  "C2'"  "C1'"  sing N N 57  
DC  "C2'"  "H2'"  sing N N 58  
DC  "C2'"  "H2''" sing N N 59  
DC  "C1'"  N1     sing N N 60  
DC  "C1'"  "H1'"  sing N N 61  
DC  N1     C2     sing N N 62  
DC  N1     C6     sing N N 63  
DC  C2     O2     doub N N 64  
DC  C2     N3     sing N N 65  
DC  N3     C4     doub N N 66  
DC  C4     N4     sing N N 67  
DC  C4     C5     sing N N 68  
DC  N4     H41    sing N N 69  
DC  N4     H42    sing N N 70  
DC  C5     C6     doub N N 71  
DC  C5     H5     sing N N 72  
DC  C6     H6     sing N N 73  
DG  OP3    P      sing N N 74  
DG  OP3    HOP3   sing N N 75  
DG  P      OP1    doub N N 76  
DG  P      OP2    sing N N 77  
DG  P      "O5'"  sing N N 78  
DG  OP2    HOP2   sing N N 79  
DG  "O5'"  "C5'"  sing N N 80  
DG  "C5'"  "C4'"  sing N N 81  
DG  "C5'"  "H5'"  sing N N 82  
DG  "C5'"  "H5''" sing N N 83  
DG  "C4'"  "O4'"  sing N N 84  
DG  "C4'"  "C3'"  sing N N 85  
DG  "C4'"  "H4'"  sing N N 86  
DG  "O4'"  "C1'"  sing N N 87  
DG  "C3'"  "O3'"  sing N N 88  
DG  "C3'"  "C2'"  sing N N 89  
DG  "C3'"  "H3'"  sing N N 90  
DG  "O3'"  "HO3'" sing N N 91  
DG  "C2'"  "C1'"  sing N N 92  
DG  "C2'"  "H2'"  sing N N 93  
DG  "C2'"  "H2''" sing N N 94  
DG  "C1'"  N9     sing N N 95  
DG  "C1'"  "H1'"  sing N N 96  
DG  N9     C8     sing Y N 97  
DG  N9     C4     sing Y N 98  
DG  C8     N7     doub Y N 99  
DG  C8     H8     sing N N 100 
DG  N7     C5     sing Y N 101 
DG  C5     C6     sing N N 102 
DG  C5     C4     doub Y N 103 
DG  C6     O6     doub N N 104 
DG  C6     N1     sing N N 105 
DG  N1     C2     sing N N 106 
DG  N1     H1     sing N N 107 
DG  C2     N2     sing N N 108 
DG  C2     N3     doub N N 109 
DG  N2     H21    sing N N 110 
DG  N2     H22    sing N N 111 
DG  N3     C4     sing N N 112 
HOH O      H1     sing N N 113 
HOH O      H2     sing N N 114 
UMS OP3    P      sing N N 115 
UMS OP3    HOP3   sing N N 116 
UMS P      OP1    doub N N 117 
UMS P      OP2    sing N N 118 
UMS P      "O5'"  sing N N 119 
UMS OP2    HOP2   sing N N 120 
UMS "O5'"  "C5'"  sing N N 121 
UMS "C5'"  "C4'"  sing N N 122 
UMS "C5'"  "H5'"  sing N N 123 
UMS "C5'"  "H5'2" sing N N 124 
UMS "C4'"  "O4'"  sing N N 125 
UMS "C4'"  "C3'"  sing N N 126 
UMS "C4'"  "H4'"  sing N N 127 
UMS "O4'"  "C1'"  sing N N 128 
UMS "C3'"  "O3'"  sing N N 129 
UMS "C3'"  "C2'"  sing N N 130 
UMS "C3'"  "H3'"  sing N N 131 
UMS "O3'"  "HO3'" sing N N 132 
UMS "C2'"  "SE2'" sing N N 133 
UMS "C2'"  "C1'"  sing N N 134 
UMS "C2'"  "H2'"  sing N N 135 
UMS "SE2'" "CA'"  sing N N 136 
UMS "C1'"  N1     sing N N 137 
UMS "C1'"  "H1'"  sing N N 138 
UMS "CA'"  "HA'"  sing N N 139 
UMS "CA'"  "HA'2" sing N N 140 
UMS "CA'"  "HA'3" sing N N 141 
UMS N1     C2     sing N N 142 
UMS N1     C6     sing N N 143 
UMS C2     O2     doub N N 144 
UMS C2     N3     sing N N 145 
UMS N3     C4     sing N N 146 
UMS N3     H3     sing N N 147 
UMS C4     O4     doub N N 148 
UMS C4     C5     sing N N 149 
UMS C5     C6     doub N N 150 
UMS C5     H5     sing N N 151 
UMS C6     H6     sing N N 152 
US3 P      OP2    sing N N 153 
US3 N1     "C1'"  sing N N 154 
US3 N1     C6     sing N N 155 
US3 C2     N1     sing N N 156 
US3 C2     N3     doub N N 157 
US3 SE2    C2     sing N N 158 
US3 SE2    HSE2   sing N N 159 
US3 N3     C4     sing N N 160 
US3 C4     O4     doub N N 161 
US3 C4     C5     sing N N 162 
US3 C5     C5A    sing N N 163 
US3 C6     C5     doub N N 164 
US3 C6     H6     sing N N 165 
US3 "C1'"  "O4'"  sing N N 166 
US3 "C1'"  "H1'"  sing N N 167 
US3 OP3    P      sing N N 168 
US3 OP3    HOP3   sing N N 169 
US3 "C2'"  "C1'"  sing N N 170 
US3 "C2'"  "C3'"  sing N N 171 
US3 "C2'"  "H2'"  sing N N 172 
US3 "C2'"  "H2'A" sing N N 173 
US3 OP2    HOP2   sing N N 174 
US3 "C3'"  "C4'"  sing N N 175 
US3 "C3'"  "H3'"  sing N N 176 
US3 "O3'"  "C3'"  sing N N 177 
US3 "O3'"  "HO3'" sing N N 178 
US3 "C4'"  "O4'"  sing N N 179 
US3 "C4'"  "C5'"  sing N N 180 
US3 "C4'"  "H4'"  sing N N 181 
US3 "C5'"  "O5'"  sing N N 182 
US3 "C5'"  "H5'"  sing N N 183 
US3 "C5'"  "H5'A" sing N N 184 
US3 "O5'"  P      sing N N 185 
US3 C5A    H5A    sing N N 186 
US3 C5A    H5AA   sing N N 187 
US3 C5A    H5AB   sing N N 188 
US3 P      OP1    doub N N 189 
# 
_ndb_struct_conf_na.entry_id   3HGD 
_ndb_struct_conf_na.feature    'a-form double helix' 
# 
loop_
_ndb_struct_na_base_pair.model_number 
_ndb_struct_na_base_pair.i_label_asym_id 
_ndb_struct_na_base_pair.i_label_comp_id 
_ndb_struct_na_base_pair.i_label_seq_id 
_ndb_struct_na_base_pair.i_symmetry 
_ndb_struct_na_base_pair.j_label_asym_id 
_ndb_struct_na_base_pair.j_label_comp_id 
_ndb_struct_na_base_pair.j_label_seq_id 
_ndb_struct_na_base_pair.j_symmetry 
_ndb_struct_na_base_pair.shear 
_ndb_struct_na_base_pair.stretch 
_ndb_struct_na_base_pair.stagger 
_ndb_struct_na_base_pair.buckle 
_ndb_struct_na_base_pair.propeller 
_ndb_struct_na_base_pair.opening 
_ndb_struct_na_base_pair.pair_number 
_ndb_struct_na_base_pair.pair_name 
_ndb_struct_na_base_pair.i_auth_asym_id 
_ndb_struct_na_base_pair.i_auth_seq_id 
_ndb_struct_na_base_pair.i_PDB_ins_code 
_ndb_struct_na_base_pair.j_auth_asym_id 
_ndb_struct_na_base_pair.j_auth_seq_id 
_ndb_struct_na_base_pair.j_PDB_ins_code 
_ndb_struct_na_base_pair.hbond_type_28 
_ndb_struct_na_base_pair.hbond_type_12 
1 A DG  1 1_555 B DC  8 1_555 -0.341 -0.071 0.054  -10.209 -9.207  0.845  1 A_DG1:DC8_B  A 1 ? B 8 ? 19 1 
1 A UMS 2 1_555 B DA  7 1_555 -0.058 -0.146 0.016  2.182   -9.743  -1.421 2 A_UMS2:DA7_B A 2 ? B 7 ? 20 1 
1 A DG  3 1_555 B DC  6 1_555 -0.334 -0.111 0.217  -0.153  -12.407 0.199  3 A_DG3:DC6_B  A 3 ? B 6 ? 19 1 
1 A US3 4 1_555 B DA  5 1_555 -0.348 -0.077 0.050  2.431   -11.951 -3.793 4 A_US34:DA5_B A 4 ? B 5 ? 20 1 
1 A DA  5 1_555 B US3 4 1_555 0.166  -0.149 0.043  1.588   -13.604 -0.712 5 A_DA5:US34_B A 5 ? B 4 ? 20 1 
1 A DC  6 1_555 B DG  3 1_555 0.139  -0.229 0.224  1.031   -9.295  0.605  6 A_DC6:DG3_B  A 6 ? B 3 ? 19 1 
1 A DA  7 1_555 B UMS 2 1_555 0.117  -0.074 0.160  7.839   -9.333  1.841  7 A_DA7:UMS2_B A 7 ? B 2 ? 20 1 
1 A DC  8 1_555 B DG  1 1_555 0.246  -0.093 -0.318 20.886  -12.222 -0.297 8 A_DC8:DG1_B  A 8 ? B 1 ? 19 1 
# 
loop_
_ndb_struct_na_base_pair_step.model_number 
_ndb_struct_na_base_pair_step.i_label_asym_id_1 
_ndb_struct_na_base_pair_step.i_label_comp_id_1 
_ndb_struct_na_base_pair_step.i_label_seq_id_1 
_ndb_struct_na_base_pair_step.i_symmetry_1 
_ndb_struct_na_base_pair_step.j_label_asym_id_1 
_ndb_struct_na_base_pair_step.j_label_comp_id_1 
_ndb_struct_na_base_pair_step.j_label_seq_id_1 
_ndb_struct_na_base_pair_step.j_symmetry_1 
_ndb_struct_na_base_pair_step.i_label_asym_id_2 
_ndb_struct_na_base_pair_step.i_label_comp_id_2 
_ndb_struct_na_base_pair_step.i_label_seq_id_2 
_ndb_struct_na_base_pair_step.i_symmetry_2 
_ndb_struct_na_base_pair_step.j_label_asym_id_2 
_ndb_struct_na_base_pair_step.j_label_comp_id_2 
_ndb_struct_na_base_pair_step.j_label_seq_id_2 
_ndb_struct_na_base_pair_step.j_symmetry_2 
_ndb_struct_na_base_pair_step.shift 
_ndb_struct_na_base_pair_step.slide 
_ndb_struct_na_base_pair_step.rise 
_ndb_struct_na_base_pair_step.tilt 
_ndb_struct_na_base_pair_step.roll 
_ndb_struct_na_base_pair_step.twist 
_ndb_struct_na_base_pair_step.x_displacement 
_ndb_struct_na_base_pair_step.y_displacement 
_ndb_struct_na_base_pair_step.helical_rise 
_ndb_struct_na_base_pair_step.inclination 
_ndb_struct_na_base_pair_step.tip 
_ndb_struct_na_base_pair_step.helical_twist 
_ndb_struct_na_base_pair_step.step_number 
_ndb_struct_na_base_pair_step.step_name 
_ndb_struct_na_base_pair_step.i_auth_asym_id_1 
_ndb_struct_na_base_pair_step.i_auth_seq_id_1 
_ndb_struct_na_base_pair_step.i_PDB_ins_code_1 
_ndb_struct_na_base_pair_step.j_auth_asym_id_1 
_ndb_struct_na_base_pair_step.j_auth_seq_id_1 
_ndb_struct_na_base_pair_step.j_PDB_ins_code_1 
_ndb_struct_na_base_pair_step.i_auth_asym_id_2 
_ndb_struct_na_base_pair_step.i_auth_seq_id_2 
_ndb_struct_na_base_pair_step.i_PDB_ins_code_2 
_ndb_struct_na_base_pair_step.j_auth_asym_id_2 
_ndb_struct_na_base_pair_step.j_auth_seq_id_2 
_ndb_struct_na_base_pair_step.j_PDB_ins_code_2 
1 A DG  1 1_555 B DC  8 1_555 A UMS 2 1_555 B DA  7 1_555 -0.721 -1.034 3.009 -1.197 7.270  33.408 -2.783 1.058  2.753 12.459 
2.052  34.189 1 AA_DG1UMS2:DA7DC8_BB  A 1 ? B 8 ? A 2 ? B 7 ? 
1 A UMS 2 1_555 B DA  7 1_555 A DG  3 1_555 B DC  6 1_555 0.081  -1.636 3.221 -2.635 8.466  29.557 -4.589 -0.623 2.645 16.143 
5.024  30.830 2 AA_UMS2DG3:DC6DA7_BB  A 2 ? B 7 ? A 3 ? B 6 ? 
1 A DG  3 1_555 B DC  6 1_555 A US3 4 1_555 B DA  5 1_555 -0.922 -1.699 3.232 -0.269 8.001  33.277 -4.065 1.528  2.768 13.726 
0.461  34.200 3 AA_DG3US34:DA5DC6_BB  A 3 ? B 6 ? A 4 ? B 5 ? 
1 A US3 4 1_555 B DA  5 1_555 A DA  5 1_555 B US3 4 1_555 0.261  -1.162 3.239 0.141  11.699 30.751 -3.918 -0.439 2.634 21.127 
-0.255 32.852 4 AA_US34DA5:US34DA5_BB A 4 ? B 5 ? A 5 ? B 4 ? 
1 A DA  5 1_555 B US3 4 1_555 A DC  6 1_555 B DG  3 1_555 0.204  -1.641 3.304 -1.564 6.532  36.108 -3.468 -0.531 2.961 10.426 
2.497  36.707 5 AA_DA5DC6:DG3US34_BB  A 5 ? B 4 ? A 6 ? B 3 ? 
1 A DC  6 1_555 B DG  3 1_555 A DA  7 1_555 B UMS 2 1_555 -0.279 -1.475 3.023 0.164  9.001  28.557 -4.456 0.570  2.453 17.700 
-0.323 29.914 6 AA_DC6DA7:UMS2DG3_BB  A 6 ? B 3 ? A 7 ? B 2 ? 
1 A DA  7 1_555 B UMS 2 1_555 A DC  8 1_555 B DG  1 1_555 -0.087 -1.036 3.048 2.289  9.187  30.272 -3.398 0.533  2.616 17.074 
-4.255 31.685 7 AA_DA7DC8:DG1UMS2_BB  A 7 ? B 2 ? A 8 ? B 1 ? 
# 
_atom_sites.entry_id                    3HGD 
_atom_sites.fract_transf_matrix[1][1]   0.01507924 
_atom_sites.fract_transf_matrix[1][2]   0.00848555 
_atom_sites.fract_transf_matrix[1][3]   -0.01831605 
_atom_sites.fract_transf_matrix[2][1]   0.01346128 
_atom_sites.fract_transf_matrix[2][2]   -0.01624534 
_atom_sites.fract_transf_matrix[2][3]   -0.01377394 
_atom_sites.fract_transf_matrix[3][1]   -0.01773570 
_atom_sites.fract_transf_matrix[3][2]   -0.00166290 
_atom_sites.fract_transf_matrix[3][3]   -0.01537184 
_atom_sites.fract_transf_vector[1]      -0.008624 
_atom_sites.fract_transf_vector[2]      0.441558 
_atom_sites.fract_transf_vector[3]      0.078065 
# 
loop_
_atom_type.symbol 
C  
N  
O  
P  
SE 
# 
loop_
_atom_site.group_PDB 
_atom_site.id 
_atom_site.type_symbol 
_atom_site.label_atom_id 
_atom_site.label_alt_id 
_atom_site.label_comp_id 
_atom_site.label_asym_id 
_atom_site.label_entity_id 
_atom_site.label_seq_id 
_atom_site.pdbx_PDB_ins_code 
_atom_site.Cartn_x 
_atom_site.Cartn_y 
_atom_site.Cartn_z 
_atom_site.occupancy 
_atom_site.B_iso_or_equiv 
_atom_site.pdbx_formal_charge 
_atom_site.auth_seq_id 
_atom_site.auth_comp_id 
_atom_site.auth_asym_id 
_atom_site.auth_atom_id 
_atom_site.pdbx_PDB_model_num 
ATOM   1   O  "O5'"  . DG  A 1 1 ? -3.789  -4.035  -12.552 1.00 41.49 ? 1  DG  A "O5'"  1 
ATOM   2   C  "C5'"  . DG  A 1 1 ? -4.055  -3.356  -11.326 1.00 36.34 ? 1  DG  A "C5'"  1 
ATOM   3   C  "C4'"  . DG  A 1 1 ? -5.536  -3.271  -11.035 1.00 36.48 ? 1  DG  A "C4'"  1 
ATOM   4   O  "O4'"  . DG  A 1 1 ? -6.035  -4.569  -10.635 1.00 34.02 ? 1  DG  A "O4'"  1 
ATOM   5   C  "C3'"  . DG  A 1 1 ? -5.881  -2.336  -9.883  1.00 34.84 ? 1  DG  A "C3'"  1 
ATOM   6   O  "O3'"  . DG  A 1 1 ? -6.079  -1.009  -10.378 1.00 33.34 ? 1  DG  A "O3'"  1 
ATOM   7   C  "C2'"  . DG  A 1 1 ? -7.166  -2.938  -9.346  1.00 35.06 ? 1  DG  A "C2'"  1 
ATOM   8   C  "C1'"  . DG  A 1 1 ? -6.914  -4.433  -9.524  1.00 32.91 ? 1  DG  A "C1'"  1 
ATOM   9   N  N9     . DG  A 1 1 ? -6.267  -5.069  -8.382  1.00 31.31 ? 1  DG  A N9     1 
ATOM   10  C  C8     . DG  A 1 1 ? -4.989  -5.568  -8.331  1.00 29.83 ? 1  DG  A C8     1 
ATOM   11  N  N7     . DG  A 1 1 ? -4.689  -6.095  -7.175  1.00 31.36 ? 1  DG  A N7     1 
ATOM   12  C  C5     . DG  A 1 1 ? -5.839  -5.929  -6.416  1.00 29.83 ? 1  DG  A C5     1 
ATOM   13  C  C6     . DG  A 1 1 ? -6.121  -6.306  -5.075  1.00 29.11 ? 1  DG  A C6     1 
ATOM   14  O  O6     . DG  A 1 1 ? -5.385  -6.881  -4.267  1.00 29.38 ? 1  DG  A O6     1 
ATOM   15  N  N1     . DG  A 1 1 ? -7.412  -5.944  -4.704  1.00 28.14 ? 1  DG  A N1     1 
ATOM   16  C  C2     . DG  A 1 1 ? -8.316  -5.304  -5.516  1.00 27.03 ? 1  DG  A C2     1 
ATOM   17  N  N2     . DG  A 1 1 ? -9.512  -5.036  -4.980  1.00 26.94 ? 1  DG  A N2     1 
ATOM   18  N  N3     . DG  A 1 1 ? -8.068  -4.952  -6.766  1.00 27.34 ? 1  DG  A N3     1 
ATOM   19  C  C4     . DG  A 1 1 ? -6.820  -5.293  -7.147  1.00 29.93 ? 1  DG  A C4     1 
HETATM 20  P  P      . UMS A 1 2 ? -5.425  0.238   -9.603  1.00 32.66 ? 2  UMS A P      1 
HETATM 21  O  OP1    . UMS A 1 2 ? -5.414  1.406   -10.526 1.00 35.59 ? 2  UMS A OP1    1 
HETATM 22  O  OP2    . UMS A 1 2 ? -4.158  -0.224  -8.989  1.00 32.34 ? 2  UMS A OP2    1 
HETATM 23  O  "O5'"  . UMS A 1 2 ? -6.454  0.555   -8.431  1.00 33.82 ? 2  UMS A "O5'"  1 
HETATM 24  C  "C5'"  . UMS A 1 2 ? -7.755  1.040   -8.724  1.00 32.19 ? 2  UMS A "C5'"  1 
HETATM 25  C  "C4'"  . UMS A 1 2 ? -8.649  0.892   -7.520  1.00 31.00 ? 2  UMS A "C4'"  1 
HETATM 26  O  "O4'"  . UMS A 1 2 ? -8.816  -0.523  -7.214  1.00 30.70 ? 2  UMS A "O4'"  1 
HETATM 27  C  "C3'"  . UMS A 1 2 ? -8.118  1.482   -6.224  1.00 31.35 ? 2  UMS A "C3'"  1 
HETATM 28  O  "O3'"  . UMS A 1 2 ? -8.345  2.882   -6.135  1.00 32.12 ? 2  UMS A "O3'"  1 
HETATM 29  C  "C2'"  . UMS A 1 2 ? -8.927  0.699   -5.202  1.00 29.85 ? 2  UMS A "C2'"  1 
HETATM 30  SE "SE2'" . UMS A 1 2 ? -10.933 1.330   -5.263  0.70 31.65 ? 2  UMS A "SE2'" 1 
HETATM 31  C  "C1'"  . UMS A 1 2 ? -8.941  -0.695  -5.809  1.00 29.32 ? 2  UMS A "C1'"  1 
HETATM 32  C  "CA'"  . UMS A 1 2 ? -11.525 0.465   -3.714  1.00 32.06 ? 2  UMS A "CA'"  1 
HETATM 33  N  N1     . UMS A 1 2 ? -7.797  -1.480  -5.340  1.00 26.66 ? 2  UMS A N1     1 
HETATM 34  C  C2     . UMS A 1 2 ? -7.896  -2.047  -4.088  1.00 24.49 ? 2  UMS A C2     1 
HETATM 35  O  O2     . UMS A 1 2 ? -8.882  -1.903  -3.384  1.00 25.65 ? 2  UMS A O2     1 
HETATM 36  N  N3     . UMS A 1 2 ? -6.803  -2.781  -3.696  1.00 24.49 ? 2  UMS A N3     1 
HETATM 37  C  C4     . UMS A 1 2 ? -5.644  -2.988  -4.419  1.00 25.52 ? 2  UMS A C4     1 
HETATM 38  O  O4     . UMS A 1 2 ? -4.749  -3.684  -3.943  1.00 26.43 ? 2  UMS A O4     1 
HETATM 39  C  C5     . UMS A 1 2 ? -5.617  -2.356  -5.704  1.00 24.14 ? 2  UMS A C5     1 
HETATM 40  C  C6     . UMS A 1 2 ? -6.670  -1.644  -6.111  1.00 25.68 ? 2  UMS A C6     1 
ATOM   41  P  P      . DG  A 1 3 ? -7.337  3.794   -5.279  1.00 33.31 ? 3  DG  A P      1 
ATOM   42  O  OP1    . DG  A 1 3 ? -7.663  5.209   -5.579  1.00 34.33 ? 3  DG  A OP1    1 
ATOM   43  O  OP2    . DG  A 1 3 ? -5.957  3.295   -5.492  1.00 31.11 ? 3  DG  A OP2    1 
ATOM   44  O  "O5'"  . DG  A 1 3 ? -7.732  3.498   -3.765  1.00 30.03 ? 3  DG  A "O5'"  1 
ATOM   45  C  "C5'"  . DG  A 1 3 ? -9.031  3.811   -3.273  1.00 27.82 ? 3  DG  A "C5'"  1 
ATOM   46  C  "C4'"  . DG  A 1 3 ? -9.238  3.185   -1.913  1.00 26.62 ? 3  DG  A "C4'"  1 
ATOM   47  O  "O4'"  . DG  A 1 3 ? -9.110  1.752   -2.016  1.00 25.23 ? 3  DG  A "O4'"  1 
ATOM   48  C  "C3'"  . DG  A 1 3 ? -8.213  3.567   -0.854  1.00 25.46 ? 3  DG  A "C3'"  1 
ATOM   49  O  "O3'"  . DG  A 1 3 ? -8.551  4.813   -0.245  1.00 26.80 ? 3  DG  A "O3'"  1 
ATOM   50  C  "C2'"  . DG  A 1 3 ? -8.343  2.420   0.126   1.00 24.72 ? 3  DG  A "C2'"  1 
ATOM   51  C  "C1'"  . DG  A 1 3 ? -8.551  1.232   -0.809  1.00 22.68 ? 3  DG  A "C1'"  1 
ATOM   52  N  N9     . DG  A 1 3 ? -7.308  0.544   -1.138  1.00 21.24 ? 3  DG  A N9     1 
ATOM   53  C  C8     . DG  A 1 3 ? -6.599  0.599   -2.316  1.00 19.14 ? 3  DG  A C8     1 
ATOM   54  N  N7     . DG  A 1 3 ? -5.524  -0.141  -2.300  1.00 20.16 ? 3  DG  A N7     1 
ATOM   55  C  C5     . DG  A 1 3 ? -5.526  -0.721  -1.036  1.00 20.05 ? 3  DG  A C5     1 
ATOM   56  C  C6     . DG  A 1 3 ? -4.612  -1.626  -0.437  1.00 19.63 ? 3  DG  A C6     1 
ATOM   57  O  O6     . DG  A 1 3 ? -3.588  -2.124  -0.924  1.00 21.84 ? 3  DG  A O6     1 
ATOM   58  N  N1     . DG  A 1 3 ? -4.990  -1.947  0.863   1.00 21.81 ? 3  DG  A N1     1 
ATOM   59  C  C2     . DG  A 1 3 ? -6.107  -1.467  1.502   1.00 20.02 ? 3  DG  A C2     1 
ATOM   60  N  N2     . DG  A 1 3 ? -6.303  -1.899  2.763   1.00 20.96 ? 3  DG  A N2     1 
ATOM   61  N  N3     . DG  A 1 3 ? -6.969  -0.631  0.952   1.00 21.78 ? 3  DG  A N3     1 
ATOM   62  C  C4     . DG  A 1 3 ? -6.617  -0.301  -0.308  1.00 19.88 ? 3  DG  A C4     1 
HETATM 63  P  P      . US3 A 1 4 ? -7.398  5.715   0.421   1.00 27.34 ? 4  US3 A P      1 
HETATM 64  N  N1     . US3 A 1 4 ? -5.023  1.829   3.465   1.00 22.71 ? 4  US3 A N1     1 
HETATM 65  C  C2     . US3 A 1 4 ? -4.100  0.876   3.835   1.00 21.32 ? 4  US3 A C2     1 
HETATM 66  SE SE2    . US3 A 1 4 ? -3.974  0.243   5.444   0.70 23.98 ? 4  US3 A SE2    1 
HETATM 67  N  N3     . US3 A 1 4 ? -3.267  0.478   2.814   1.00 19.59 ? 4  US3 A N3     1 
HETATM 68  C  C4     . US3 A 1 4 ? -3.260  0.947   1.506   1.00 18.60 ? 4  US3 A C4     1 
HETATM 69  O  O4     . US3 A 1 4 ? -2.450  0.503   0.692   1.00 20.85 ? 4  US3 A O4     1 
HETATM 70  C  C5     . US3 A 1 4 ? -4.241  1.953   1.207   1.00 20.82 ? 4  US3 A C5     1 
HETATM 71  C  C6     . US3 A 1 4 ? -5.068  2.328   2.184   1.00 21.24 ? 4  US3 A C6     1 
HETATM 72  C  "C1'"  . US3 A 1 4 ? -5.966  2.333   4.474   1.00 23.63 ? 4  US3 A "C1'"  1 
HETATM 73  C  "C2'"  . US3 A 1 4 ? -5.379  3.509   5.251   1.00 23.13 ? 4  US3 A "C2'"  1 
HETATM 74  O  OP2    . US3 A 1 4 ? -6.210  5.670   -0.476  1.00 26.35 ? 4  US3 A OP2    1 
HETATM 75  C  "C3'"  . US3 A 1 4 ? -5.867  4.695   4.445   1.00 24.12 ? 4  US3 A "C3'"  1 
HETATM 76  O  "O3'"  . US3 A 1 4 ? -5.900  5.883   5.240   1.00 27.28 ? 4  US3 A "O3'"  1 
HETATM 77  C  "C4'"  . US3 A 1 4 ? -7.270  4.241   4.062   1.00 25.23 ? 4  US3 A "C4'"  1 
HETATM 78  O  "O4'"  . US3 A 1 4 ? -7.118  2.831   3.786   1.00 26.01 ? 4  US3 A "O4'"  1 
HETATM 79  C  "C5'"  . US3 A 1 4 ? -7.905  4.946   2.885   1.00 25.10 ? 4  US3 A "C5'"  1 
HETATM 80  O  "O5'"  . US3 A 1 4 ? -7.022  4.940   1.763   1.00 27.62 ? 4  US3 A "O5'"  1 
HETATM 81  C  C5A    . US3 A 1 4 ? -4.290  2.534   -0.169  1.00 21.94 ? 4  US3 A C5A    1 
HETATM 82  O  OP1    . US3 A 1 4 ? -8.000  7.030   0.772   1.00 28.54 ? 4  US3 A OP1    1 
ATOM   83  P  P      . DA  A 1 5 ? -4.634  6.880   5.239   1.00 30.64 ? 5  DA  A P      1 
ATOM   84  O  OP1    . DA  A 1 5 ? -5.007  8.040   6.093   1.00 31.37 ? 5  DA  A OP1    1 
ATOM   85  O  OP2    . DA  A 1 5 ? -4.201  7.112   3.835   1.00 30.81 ? 5  DA  A OP2    1 
ATOM   86  O  "O5'"  . DA  A 1 5 ? -3.490  6.067   5.989   1.00 29.73 ? 5  DA  A "O5'"  1 
ATOM   87  C  "C5'"  . DA  A 1 5 ? -3.555  5.849   7.397   1.00 28.50 ? 5  DA  A "C5'"  1 
ATOM   88  C  "C4'"  . DA  A 1 5 ? -2.506  4.850   7.823   1.00 28.31 ? 5  DA  A "C4'"  1 
ATOM   89  O  "O4'"  . DA  A 1 5 ? -2.696  3.623   7.084   1.00 25.98 ? 5  DA  A "O4'"  1 
ATOM   90  C  "C3'"  . DA  A 1 5 ? -1.060  5.236   7.532   1.00 29.33 ? 5  DA  A "C3'"  1 
ATOM   91  O  "O3'"  . DA  A 1 5 ? -0.531  6.083   8.559   1.00 30.86 ? 5  DA  A "O3'"  1 
ATOM   92  C  "C2'"  . DA  A 1 5 ? -0.382  3.881   7.550   1.00 28.06 ? 5  DA  A "C2'"  1 
ATOM   93  C  "C1'"  . DA  A 1 5 ? -1.429  2.996   6.880   1.00 25.78 ? 5  DA  A "C1'"  1 
ATOM   94  N  N9     . DA  A 1 5 ? -1.203  2.879   5.442   1.00 22.08 ? 5  DA  A N9     1 
ATOM   95  C  C8     . DA  A 1 5 ? -1.796  3.551   4.405   1.00 24.21 ? 5  DA  A C8     1 
ATOM   96  N  N7     . DA  A 1 5 ? -1.330  3.220   3.224   1.00 22.42 ? 5  DA  A N7     1 
ATOM   97  C  C5     . DA  A 1 5 ? -0.371  2.256   3.507   1.00 22.35 ? 5  DA  A C5     1 
ATOM   98  C  C6     . DA  A 1 5 ? 0.487   1.502   2.688   1.00 21.82 ? 5  DA  A C6     1 
ATOM   99  N  N6     . DA  A 1 5 ? 0.511   1.593   1.359   1.00 22.39 ? 5  DA  A N6     1 
ATOM   100 N  N1     . DA  A 1 5 ? 1.329   0.636   3.291   1.00 22.22 ? 5  DA  A N1     1 
ATOM   101 C  C2     . DA  A 1 5 ? 1.301   0.540   4.627   1.00 21.89 ? 5  DA  A C2     1 
ATOM   102 N  N3     . DA  A 1 5 ? 0.538   1.188   5.501   1.00 22.97 ? 5  DA  A N3     1 
ATOM   103 C  C4     . DA  A 1 5 ? -0.284  2.038   4.869   1.00 22.41 ? 5  DA  A C4     1 
ATOM   104 P  P      . DC  A 1 6 ? 0.759   6.997   8.254   1.00 32.13 ? 6  DC  A P      1 
ATOM   105 O  OP1    . DC  A 1 6 ? 1.048   7.804   9.468   1.00 34.22 ? 6  DC  A OP1    1 
ATOM   106 O  OP2    . DC  A 1 6 ? 0.544   7.678   6.952   1.00 32.56 ? 6  DC  A OP2    1 
ATOM   107 O  "O5'"  . DC  A 1 6 ? 1.948   5.958   8.064   1.00 32.66 ? 6  DC  A "O5'"  1 
ATOM   108 C  "C5'"  . DC  A 1 6 ? 2.493   5.263   9.177   1.00 31.61 ? 6  DC  A "C5'"  1 
ATOM   109 C  "C4'"  . DC  A 1 6 ? 3.678   4.435   8.743   1.00 30.51 ? 6  DC  A "C4'"  1 
ATOM   110 O  "O4'"  . DC  A 1 6 ? 3.246   3.393   7.839   1.00 29.50 ? 6  DC  A "O4'"  1 
ATOM   111 C  "C3'"  . DC  A 1 6 ? 4.735   5.192   7.951   1.00 30.32 ? 6  DC  A "C3'"  1 
ATOM   112 O  "O3'"  . DC  A 1 6 ? 5.607   5.927   8.814   1.00 33.20 ? 6  DC  A "O3'"  1 
ATOM   113 C  "C2'"  . DC  A 1 6 ? 5.444   4.059   7.233   1.00 28.68 ? 6  DC  A "C2'"  1 
ATOM   114 C  "C1'"  . DC  A 1 6 ? 4.268   3.153   6.866   1.00 27.06 ? 6  DC  A "C1'"  1 
ATOM   115 N  N1     . DC  A 1 6 ? 3.717   3.463   5.536   1.00 24.67 ? 6  DC  A N1     1 
ATOM   116 C  C2     . DC  A 1 6 ? 4.326   2.896   4.416   1.00 23.02 ? 6  DC  A C2     1 
ATOM   117 O  O2     . DC  A 1 6 ? 5.305   2.146   4.583   1.00 25.43 ? 6  DC  A O2     1 
ATOM   118 N  N3     . DC  A 1 6 ? 3.840   3.180   3.185   1.00 22.79 ? 6  DC  A N3     1 
ATOM   119 C  C4     . DC  A 1 6 ? 2.789   3.996   3.056   1.00 22.55 ? 6  DC  A C4     1 
ATOM   120 N  N4     . DC  A 1 6 ? 2.336   4.252   1.823   1.00 21.94 ? 6  DC  A N4     1 
ATOM   121 C  C5     . DC  A 1 6 ? 2.153   4.588   4.185   1.00 23.46 ? 6  DC  A C5     1 
ATOM   122 C  C6     . DC  A 1 6 ? 2.643   4.293   5.393   1.00 23.11 ? 6  DC  A C6     1 
ATOM   123 P  P      . DA  A 1 7 ? 6.426   7.181   8.232   1.00 32.37 ? 7  DA  A P      1 
ATOM   124 O  OP1    . DA  A 1 7 ? 7.160   7.808   9.363   1.00 34.91 ? 7  DA  A OP1    1 
ATOM   125 O  OP2    . DA  A 1 7 ? 5.536   8.016   7.386   1.00 33.05 ? 7  DA  A OP2    1 
ATOM   126 O  "O5'"  . DA  A 1 7 ? 7.508   6.510   7.280   1.00 30.83 ? 7  DA  A "O5'"  1 
ATOM   127 C  "C5'"  . DA  A 1 7 ? 8.497   5.632   7.804   1.00 28.96 ? 7  DA  A "C5'"  1 
ATOM   128 C  "C4'"  . DA  A 1 7 ? 9.366   5.115   6.684   1.00 28.37 ? 7  DA  A "C4'"  1 
ATOM   129 O  "O4'"  . DA  A 1 7 ? 8.601   4.242   5.824   1.00 25.87 ? 7  DA  A "O4'"  1 
ATOM   130 C  "C3'"  . DA  A 1 7 ? 9.877   6.201   5.753   1.00 28.16 ? 7  DA  A "C3'"  1 
ATOM   131 O  "O3'"  . DA  A 1 7 ? 11.028  6.838   6.313   1.00 31.20 ? 7  DA  A "O3'"  1 
ATOM   132 C  "C2'"  . DA  A 1 7 ? 10.179  5.414   4.492   1.00 26.84 ? 7  DA  A "C2'"  1 
ATOM   133 C  "C1'"  . DA  A 1 7 ? 9.032   4.401   4.476   1.00 25.11 ? 7  DA  A "C1'"  1 
ATOM   134 N  N9     . DA  A 1 7 ? 7.879   4.836   3.687   1.00 22.95 ? 7  DA  A N9     1 
ATOM   135 C  C8     . DA  A 1 7 ? 6.786   5.562   4.096   1.00 22.71 ? 7  DA  A C8     1 
ATOM   136 N  N7     . DA  A 1 7 ? 5.927   5.809   3.135   1.00 23.31 ? 7  DA  A N7     1 
ATOM   137 C  C5     . DA  A 1 7 ? 6.487   5.199   2.023   1.00 21.41 ? 7  DA  A C5     1 
ATOM   138 C  C6     . DA  A 1 7 ? 6.065   5.090   0.680   1.00 20.86 ? 7  DA  A C6     1 
ATOM   139 N  N6     . DA  A 1 7 ? 4.934   5.615   0.205   1.00 21.87 ? 7  DA  A N6     1 
ATOM   140 N  N1     . DA  A 1 7 ? 6.866   4.412   -0.172  1.00 22.67 ? 7  DA  A N1     1 
ATOM   141 C  C2     . DA  A 1 7 ? 8.001   3.881   0.296   1.00 22.20 ? 7  DA  A C2     1 
ATOM   142 N  N3     . DA  A 1 7 ? 8.503   3.912   1.528   1.00 23.43 ? 7  DA  A N3     1 
ATOM   143 C  C4     . DA  A 1 7 ? 7.689   4.594   2.350   1.00 21.58 ? 7  DA  A C4     1 
ATOM   144 P  P      . DC  A 1 8 ? 11.302  8.386   6.002   1.00 34.66 ? 8  DC  A P      1 
ATOM   145 O  OP1    . DC  A 1 8 ? 12.308  8.901   6.970   1.00 35.53 ? 8  DC  A OP1    1 
ATOM   146 O  OP2    . DC  A 1 8 ? 9.994   9.078   5.856   1.00 35.07 ? 8  DC  A OP2    1 
ATOM   147 O  "O5'"  . DC  A 1 8 ? 11.981  8.345   4.572   1.00 32.14 ? 8  DC  A "O5'"  1 
ATOM   148 C  "C5'"  . DC  A 1 8 ? 13.155  7.569   4.351   1.00 30.47 ? 8  DC  A "C5'"  1 
ATOM   149 C  "C4'"  . DC  A 1 8 ? 13.394  7.424   2.871   1.00 28.38 ? 8  DC  A "C4'"  1 
ATOM   150 O  "O4'"  . DC  A 1 8 ? 12.376  6.578   2.287   1.00 25.54 ? 8  DC  A "O4'"  1 
ATOM   151 C  "C3'"  . DC  A 1 8 ? 13.268  8.735   2.114   1.00 29.64 ? 8  DC  A "C3'"  1 
ATOM   152 O  "O3'"  . DC  A 1 8 ? 14.403  9.582   2.317   1.00 33.12 ? 8  DC  A "O3'"  1 
ATOM   153 C  "C2'"  . DC  A 1 8 ? 12.992  8.251   0.708   1.00 28.69 ? 8  DC  A "C2'"  1 
ATOM   154 C  "C1'"  . DC  A 1 8 ? 12.079  7.047   0.970   1.00 26.08 ? 8  DC  A "C1'"  1 
ATOM   155 N  N1     . DC  A 1 8 ? 10.641  7.367   0.905   1.00 23.95 ? 8  DC  A N1     1 
ATOM   156 C  C2     . DC  A 1 8 ? 9.952   7.089   -0.276  1.00 22.84 ? 8  DC  A C2     1 
ATOM   157 O  O2     . DC  A 1 8 ? 10.562  6.546   -1.212  1.00 24.44 ? 8  DC  A O2     1 
ATOM   158 N  N3     . DC  A 1 8 ? 8.638   7.414   -0.371  1.00 23.08 ? 8  DC  A N3     1 
ATOM   159 C  C4     . DC  A 1 8 ? 8.013   7.982   0.661   1.00 24.51 ? 8  DC  A C4     1 
ATOM   160 N  N4     . DC  A 1 8 ? 6.717   8.293   0.515   1.00 24.02 ? 8  DC  A N4     1 
ATOM   161 C  C5     . DC  A 1 8 ? 8.687   8.260   1.887   1.00 24.23 ? 8  DC  A C5     1 
ATOM   162 C  C6     . DC  A 1 8 ? 9.990   7.937   1.965   1.00 24.44 ? 8  DC  A C6     1 
ATOM   163 O  "O5'"  . DG  B 1 1 ? 2.901   7.934   -8.922  1.00 29.44 ? 1  DG  B "O5'"  1 
ATOM   164 C  "C5'"  . DG  B 1 1 ? 3.750   8.018   -10.077 1.00 29.22 ? 1  DG  B "C5'"  1 
ATOM   165 C  "C4'"  . DG  B 1 1 ? 5.185   7.659   -9.765  1.00 26.78 ? 1  DG  B "C4'"  1 
ATOM   166 O  "O4'"  . DG  B 1 1 ? 5.782   8.639   -8.883  1.00 25.88 ? 1  DG  B "O4'"  1 
ATOM   167 C  "C3'"  . DG  B 1 1 ? 5.374   6.330   -9.044  1.00 25.63 ? 1  DG  B "C3'"  1 
ATOM   168 O  "O3'"  . DG  B 1 1 ? 5.380   5.256   -9.987  1.00 25.08 ? 1  DG  B "O3'"  1 
ATOM   169 C  "C2'"  . DG  B 1 1 ? 6.739   6.520   -8.413  1.00 24.59 ? 1  DG  B "C2'"  1 
ATOM   170 C  "C1'"  . DG  B 1 1 ? 6.674   7.983   -7.978  1.00 26.06 ? 1  DG  B "C1'"  1 
ATOM   171 N  N9     . DG  B 1 1 ? 6.116   8.114   -6.639  1.00 25.12 ? 1  DG  B N9     1 
ATOM   172 C  C8     . DG  B 1 1 ? 4.842   8.503   -6.302  1.00 24.72 ? 1  DG  B C8     1 
ATOM   173 N  N7     . DG  B 1 1 ? 4.624   8.482   -5.015  1.00 24.57 ? 1  DG  B N7     1 
ATOM   174 C  C5     . DG  B 1 1 ? 5.833   8.066   -4.471  1.00 23.40 ? 1  DG  B C5     1 
ATOM   175 C  C6     . DG  B 1 1 ? 6.212   7.852   -3.122  1.00 22.92 ? 1  DG  B C6     1 
ATOM   176 O  O6     . DG  B 1 1 ? 5.534   7.987   -2.100  1.00 24.05 ? 1  DG  B O6     1 
ATOM   177 N  N1     . DG  B 1 1 ? 7.537   7.433   -3.024  1.00 23.56 ? 1  DG  B N1     1 
ATOM   178 C  C2     . DG  B 1 1 ? 8.385   7.242   -4.086  1.00 23.11 ? 1  DG  B C2     1 
ATOM   179 N  N2     . DG  B 1 1 ? 9.624   6.825   -3.791  1.00 22.91 ? 1  DG  B N2     1 
ATOM   180 N  N3     . DG  B 1 1 ? 8.046   7.440   -5.344  1.00 23.60 ? 1  DG  B N3     1 
ATOM   181 C  C4     . DG  B 1 1 ? 6.765   7.846   -5.463  1.00 22.88 ? 1  DG  B C4     1 
HETATM 182 P  P      . UMS B 1 2 ? 4.732   3.840   -9.594  1.00 25.73 ? 2  UMS B P      1 
HETATM 183 O  OP1    . UMS B 1 2 ? 4.642   3.057   -10.857 1.00 27.97 ? 2  UMS B OP1    1 
HETATM 184 O  OP2    . UMS B 1 2 ? 3.503   4.083   -8.796  1.00 28.61 ? 2  UMS B OP2    1 
HETATM 185 O  "O5'"  . UMS B 1 2 ? 5.819   3.153   -8.660  1.00 26.82 ? 2  UMS B "O5'"  1 
HETATM 186 C  "C5'"  . UMS B 1 2 ? 7.089   2.791   -9.186  1.00 25.66 ? 2  UMS B "C5'"  1 
HETATM 187 C  "C4'"  . UMS B 1 2 ? 8.032   2.432   -8.069  1.00 25.74 ? 2  UMS B "C4'"  1 
HETATM 188 O  "O4'"  . UMS B 1 2 ? 8.254   3.600   -7.222  1.00 25.03 ? 2  UMS B "O4'"  1 
HETATM 189 C  "C3'"  . UMS B 1 2 ? 7.538   1.374   -7.099  1.00 27.92 ? 2  UMS B "C3'"  1 
HETATM 190 O  "O3'"  . UMS B 1 2 ? 7.715   0.059   -7.605  1.00 28.51 ? 2  UMS B "O3'"  1 
HETATM 191 C  "C2'"  . UMS B 1 2 ? 8.422   1.659   -5.894  1.00 27.39 ? 2  UMS B "C2'"  1 
HETATM 192 SE "SE2'" . UMS B 1 2 ? 10.393  1.059   -6.326  0.70 29.58 ? 2  UMS B "SE2'" 1 
HETATM 193 C  "C1'"  . UMS B 1 2 ? 8.461   3.182   -5.880  1.00 25.86 ? 2  UMS B "C1'"  1 
HETATM 194 C  "CA'"  . UMS B 1 2 ? 11.112  1.251   -4.618  1.00 30.62 ? 2  UMS B "CA'"  1 
HETATM 195 N  N1     . UMS B 1 2 ? 7.370   3.714   -5.056  1.00 22.74 ? 2  UMS B N1     1 
HETATM 196 C  C2     . UMS B 1 2 ? 7.562   3.725   -3.688  1.00 21.74 ? 2  UMS B C2     1 
HETATM 197 O  O2     . UMS B 1 2 ? 8.594   3.352   -3.167  1.00 25.64 ? 2  UMS B O2     1 
HETATM 198 N  N3     . UMS B 1 2 ? 6.498   4.188   -2.957  1.00 22.95 ? 2  UMS B N3     1 
HETATM 199 C  C4     . UMS B 1 2 ? 5.294   4.640   -3.444  1.00 21.85 ? 2  UMS B C4     1 
HETATM 200 O  O4     . UMS B 1 2 ? 4.434   5.033   -2.656  1.00 22.87 ? 2  UMS B O4     1 
HETATM 201 C  C5     . UMS B 1 2 ? 5.175   4.614   -4.871  1.00 21.18 ? 2  UMS B C5     1 
HETATM 202 C  C6     . UMS B 1 2 ? 6.195   4.163   -5.611  1.00 22.02 ? 2  UMS B C6     1 
ATOM   203 P  P      . DG  B 1 3 ? 6.670   -1.093  -7.198  1.00 29.99 ? 3  DG  B P      1 
ATOM   204 O  OP1    . DG  B 1 3 ? 6.959   -2.258  -8.075  1.00 31.97 ? 3  DG  B OP1    1 
ATOM   205 O  OP2    . DG  B 1 3 ? 5.299   -0.520  -7.169  1.00 27.93 ? 3  DG  B OP2    1 
ATOM   206 O  "O5'"  . DG  B 1 3 ? 7.080   -1.485  -5.713  1.00 29.33 ? 3  DG  B "O5'"  1 
ATOM   207 C  "C5'"  . DG  B 1 3 ? 8.366   -2.028  -5.438  1.00 27.61 ? 3  DG  B "C5'"  1 
ATOM   208 C  "C4'"  . DG  B 1 3 ? 8.680   -1.916  -3.966  1.00 28.46 ? 3  DG  B "C4'"  1 
ATOM   209 O  "O4'"  . DG  B 1 3 ? 8.569   -0.539  -3.547  1.00 27.28 ? 3  DG  B "O4'"  1 
ATOM   210 C  "C3'"  . DG  B 1 3 ? 7.734   -2.659  -3.034  1.00 27.86 ? 3  DG  B "C3'"  1 
ATOM   211 O  "O3'"  . DG  B 1 3 ? 8.091   -4.041  -2.947  1.00 29.83 ? 3  DG  B "O3'"  1 
ATOM   212 C  "C2'"  . DG  B 1 3 ? 7.982   -1.945  -1.720  1.00 27.52 ? 3  DG  B "C2'"  1 
ATOM   213 C  "C1'"  . DG  B 1 3 ? 8.171   -0.498  -2.171  1.00 27.00 ? 3  DG  B "C1'"  1 
ATOM   214 N  N9     . DG  B 1 3 ? 6.942   0.284   -2.061  1.00 24.27 ? 3  DG  B N9     1 
ATOM   215 C  C8     . DG  B 1 3 ? 6.073   0.649   -3.061  1.00 22.74 ? 3  DG  B C8     1 
ATOM   216 N  N7     . DG  B 1 3 ? 5.042   1.324   -2.621  1.00 23.86 ? 3  DG  B N7     1 
ATOM   217 C  C5     . DG  B 1 3 ? 5.252   1.416   -1.250  1.00 22.62 ? 3  DG  B C5     1 
ATOM   218 C  C6     . DG  B 1 3 ? 4.466   2.028   -0.234  1.00 20.99 ? 3  DG  B C6     1 
ATOM   219 O  O6     . DG  B 1 3 ? 3.395   2.633   -0.351  1.00 21.14 ? 3  DG  B O6     1 
ATOM   220 N  N1     . DG  B 1 3 ? 5.049   1.877   1.026   1.00 22.74 ? 3  DG  B N1     1 
ATOM   221 C  C2     . DG  B 1 3 ? 6.235   1.222   1.273   1.00 22.42 ? 3  DG  B C2     1 
ATOM   222 N  N2     . DG  B 1 3 ? 6.645   1.174   2.557   1.00 24.24 ? 3  DG  B N2     1 
ATOM   223 N  N3     . DG  B 1 3 ? 6.968   0.653   0.334   1.00 23.68 ? 3  DG  B N3     1 
ATOM   224 C  C4     . DG  B 1 3 ? 6.421   0.785   -0.892  1.00 22.57 ? 3  DG  B C4     1 
HETATM 225 P  P      . US3 B 1 4 ? 7.032   -5.100  -2.359  1.00 30.00 ? 4  US3 B P      1 
HETATM 226 N  N1     . US3 B 1 4 ? 5.101   -2.223  1.848   1.00 26.29 ? 4  US3 B N1     1 
HETATM 227 C  C2     . US3 B 1 4 ? 4.202   -1.495  2.594   1.00 23.14 ? 4  US3 B C2     1 
HETATM 228 SE SE2    . US3 B 1 4 ? 4.295   -1.361  4.313   0.70 27.78 ? 4  US3 B SE2    1 
HETATM 229 N  N3     . US3 B 1 4 ? 3.204   -0.897  1.855   1.00 24.21 ? 4  US3 B N3     1 
HETATM 230 C  C4     . US3 B 1 4 ? 3.005   -0.988  0.486   1.00 22.96 ? 4  US3 B C4     1 
HETATM 231 O  O4     . US3 B 1 4 ? 2.062   -0.404  -0.036  1.00 25.19 ? 4  US3 B O4     1 
HETATM 232 C  C5     . US3 B 1 4 ? 3.970   -1.796  -0.223  1.00 24.18 ? 4  US3 B C5     1 
HETATM 233 C  C6     . US3 B 1 4 ? 4.964   -2.355  0.481   1.00 25.42 ? 4  US3 B C6     1 
HETATM 234 C  "C1'"  . US3 B 1 4 ? 6.224   -2.868  2.548   1.00 28.61 ? 4  US3 B "C1'"  1 
HETATM 235 C  "C2'"  . US3 B 1 4 ? 5.857   -4.241  3.103   1.00 30.04 ? 4  US3 B "C2'"  1 
HETATM 236 O  OP2    . US3 B 1 4 ? 5.722   -4.864  -3.012  1.00 31.12 ? 4  US3 B OP2    1 
HETATM 237 C  "C3'"  . US3 B 1 4 ? 6.270   -5.153  1.967   1.00 29.97 ? 4  US3 B "C3'"  1 
HETATM 238 O  "O3'"  . US3 B 1 4 ? 6.539   -6.472  2.434   1.00 34.45 ? 4  US3 B "O3'"  1 
HETATM 239 C  "C4'"  . US3 B 1 4 ? 7.549   -4.485  1.483   1.00 30.58 ? 4  US3 B "C4'"  1 
HETATM 240 O  "O4'"  . US3 B 1 4 ? 7.275   -3.071  1.598   1.00 29.96 ? 4  US3 B "O4'"  1 
HETATM 241 C  "C5'"  . US3 B 1 4 ? 7.974   -4.839  0.077   1.00 31.04 ? 4  US3 B "C5'"  1 
HETATM 242 O  "O5'"  . US3 B 1 4 ? 6.886   -4.684  -0.828  1.00 29.77 ? 4  US3 B "O5'"  1 
HETATM 243 C  C5A    . US3 B 1 4 ? 3.815   -1.980  -1.699  1.00 24.25 ? 4  US3 B C5A    1 
HETATM 244 O  OP1    . US3 B 1 4 ? 7.662   -6.442  -2.436  1.00 32.84 ? 4  US3 B OP1    1 
ATOM   245 P  P      . DA  B 1 5 ? 5.392   -7.589  2.345   1.00 36.22 ? 5  DA  B P      1 
ATOM   246 O  OP1    . DA  B 1 5 ? 6.016   -8.859  2.807   1.00 36.18 ? 5  DA  B OP1    1 
ATOM   247 O  OP2    . DA  B 1 5 ? 4.743   -7.533  1.012   1.00 36.09 ? 5  DA  B OP2    1 
ATOM   248 O  "O5'"  . DA  B 1 5 ? 4.316   -7.128  3.426   1.00 33.76 ? 5  DA  B "O5'"  1 
ATOM   249 C  "C5'"  . DA  B 1 5 ? 4.586   -7.252  4.818   1.00 33.24 ? 5  DA  B "C5'"  1 
ATOM   250 C  "C4'"  . DA  B 1 5 ? 3.520   -6.554  5.631   1.00 31.90 ? 5  DA  B "C4'"  1 
ATOM   251 O  "O4'"  . DA  B 1 5 ? 3.522   -5.135  5.351   1.00 30.92 ? 5  DA  B "O4'"  1 
ATOM   252 C  "C3'"  . DA  B 1 5 ? 2.081   -6.962  5.349   1.00 31.15 ? 5  DA  B "C3'"  1 
ATOM   253 O  "O3'"  . DA  B 1 5 ? 1.732   -8.188  5.981   1.00 32.52 ? 5  DA  B "O3'"  1 
ATOM   254 C  "C2'"  . DA  B 1 5 ? 1.326   -5.801  5.957   1.00 29.05 ? 5  DA  B "C2'"  1 
ATOM   255 C  "C1'"  . DA  B 1 5 ? 2.194   -4.626  5.527   1.00 29.17 ? 5  DA  B "C1'"  1 
ATOM   256 N  N9     . DA  B 1 5 ? 1.735   -4.082  4.251   1.00 24.40 ? 5  DA  B N9     1 
ATOM   257 C  C8     . DA  B 1 5 ? 2.174   -4.349  2.976   1.00 24.40 ? 5  DA  B C8     1 
ATOM   258 N  N7     . DA  B 1 5 ? 1.520   -3.697  2.046   1.00 24.98 ? 5  DA  B N7     1 
ATOM   259 C  C5     . DA  B 1 5 ? 0.593   -2.946  2.756   1.00 23.70 ? 5  DA  B C5     1 
ATOM   260 C  C6     . DA  B 1 5 ? -0.406  -2.039  2.352   1.00 22.49 ? 5  DA  B C6     1 
ATOM   261 N  N6     . DA  B 1 5 ? -0.631  -1.695  1.079   1.00 22.57 ? 5  DA  B N6     1 
ATOM   262 N  N1     . DA  B 1 5 ? -1.172  -1.482  3.317   1.00 22.41 ? 5  DA  B N1     1 
ATOM   263 C  C2     . DA  B 1 5 ? -0.935  -1.811  4.595   1.00 20.92 ? 5  DA  B C2     1 
ATOM   264 N  N3     . DA  B 1 5 ? -0.022  -2.635  5.095   1.00 22.82 ? 5  DA  B N3     1 
ATOM   265 C  C4     . DA  B 1 5 ? 0.715   -3.178  4.114   1.00 23.30 ? 5  DA  B C4     1 
ATOM   266 P  P      . DC  B 1 6 ? 0.605   -9.123  5.321   1.00 32.92 ? 6  DC  B P      1 
ATOM   267 O  OP1    . DC  B 1 6 ? 0.567   -10.388 6.105   1.00 36.14 ? 6  DC  B OP1    1 
ATOM   268 O  OP2    . DC  B 1 6 ? 0.818   -9.176  3.855   1.00 34.17 ? 6  DC  B OP2    1 
ATOM   269 O  "O5'"  . DC  B 1 6 ? -0.758  -8.335  5.568   1.00 31.44 ? 6  DC  B "O5'"  1 
ATOM   270 C  "C5'"  . DC  B 1 6 ? -1.197  -8.037  6.885   1.00 30.24 ? 6  DC  B "C5'"  1 
ATOM   271 C  "C4'"  . DC  B 1 6 ? -2.348  -7.055  6.853   1.00 28.80 ? 6  DC  B "C4'"  1 
ATOM   272 O  "O4'"  . DC  B 1 6 ? -1.928  -5.814  6.242   1.00 27.06 ? 6  DC  B "O4'"  1 
ATOM   273 C  "C3'"  . DC  B 1 6 ? -3.561  -7.460  6.031   1.00 26.30 ? 6  DC  B "C3'"  1 
ATOM   274 O  "O3'"  . DC  B 1 6 ? -4.398  -8.385  6.729   1.00 27.39 ? 6  DC  B "O3'"  1 
ATOM   275 C  "C2'"  . DC  B 1 6 ? -4.248  -6.124  5.840   1.00 25.63 ? 6  DC  B "C2'"  1 
ATOM   276 C  "C1'"  . DC  B 1 6 ? -3.056  -5.191  5.618   1.00 25.94 ? 6  DC  B "C1'"  1 
ATOM   277 N  N1     . DC  B 1 6 ? -2.760  -5.022  4.185   1.00 23.92 ? 6  DC  B N1     1 
ATOM   278 C  C2     . DC  B 1 6 ? -3.540  -4.128  3.451   1.00 22.68 ? 6  DC  B C2     1 
ATOM   279 O  O2     . DC  B 1 6 ? -4.426  -3.495  4.038   1.00 24.04 ? 6  DC  B O2     1 
ATOM   280 N  N3     . DC  B 1 6 ? -3.314  -3.978  2.126   1.00 20.96 ? 6  DC  B N3     1 
ATOM   281 C  C4     . DC  B 1 6 ? -2.346  -4.678  1.532   1.00 23.64 ? 6  DC  B C4     1 
ATOM   282 N  N4     . DC  B 1 6 ? -2.158  -4.491  0.221   1.00 24.24 ? 6  DC  B N4     1 
ATOM   283 C  C5     . DC  B 1 6 ? -1.528  -5.596  2.255   1.00 23.13 ? 6  DC  B C5     1 
ATOM   284 C  C6     . DC  B 1 6 ? -1.764  -5.732  3.571   1.00 23.91 ? 6  DC  B C6     1 
ATOM   285 P  P      . DA  B 1 7 ? -5.396  -9.325  5.893   1.00 27.59 ? 7  DA  B P      1 
ATOM   286 O  OP1    . DA  B 1 7 ? -6.038  -10.265 6.850   1.00 28.66 ? 7  DA  B OP1    1 
ATOM   287 O  OP2    . DA  B 1 7 ? -4.684  -9.860  4.707   1.00 27.21 ? 7  DA  B OP2    1 
ATOM   288 O  "O5'"  . DA  B 1 7 ? -6.502  -8.317  5.355   1.00 25.07 ? 7  DA  B "O5'"  1 
ATOM   289 C  "C5'"  . DA  B 1 7 ? -7.354  -7.627  6.261   1.00 24.23 ? 7  DA  B "C5'"  1 
ATOM   290 C  "C4'"  . DA  B 1 7 ? -8.305  -6.737  5.498   1.00 22.83 ? 7  DA  B "C4'"  1 
ATOM   291 O  "O4'"  . DA  B 1 7 ? -7.564  -5.684  4.842   1.00 24.59 ? 7  DA  B "O4'"  1 
ATOM   292 C  "C3'"  . DA  B 1 7 ? -9.035  -7.438  4.361   1.00 24.68 ? 7  DA  B "C3'"  1 
ATOM   293 O  "O3'"  . DA  B 1 7 ? -10.173 -8.161  4.845   1.00 26.83 ? 7  DA  B "O3'"  1 
ATOM   294 C  "C2'"  . DA  B 1 7 ? -9.423  -6.270  3.474   1.00 24.42 ? 7  DA  B "C2'"  1 
ATOM   295 C  "C1'"  . DA  B 1 7 ? -8.203  -5.355  3.603   1.00 23.58 ? 7  DA  B "C1'"  1 
ATOM   296 N  N9     . DA  B 1 7 ? -7.233  -5.538  2.521   1.00 22.20 ? 7  DA  B N9     1 
ATOM   297 C  C8     . DA  B 1 7 ? -6.128  -6.357  2.474   1.00 21.53 ? 7  DA  B C8     1 
ATOM   298 N  N7     . DA  B 1 7 ? -5.481  -6.304  1.336   1.00 22.17 ? 7  DA  B N7     1 
ATOM   299 C  C5     . DA  B 1 7 ? -6.201  -5.380  0.586   1.00 20.49 ? 7  DA  B C5     1 
ATOM   300 C  C6     . DA  B 1 7 ? -6.030  -4.873  -0.719  1.00 20.91 ? 7  DA  B C6     1 
ATOM   301 N  N6     . DA  B 1 7 ? -5.040  -5.238  -1.535  1.00 24.84 ? 7  DA  B N6     1 
ATOM   302 N  N1     . DA  B 1 7 ? -6.924  -3.960  -1.160  1.00 22.09 ? 7  DA  B N1     1 
ATOM   303 C  C2     . DA  B 1 7 ? -7.922  -3.593  -0.344  1.00 20.27 ? 7  DA  B C2     1 
ATOM   304 N  N3     . DA  B 1 7 ? -8.190  -4.003  0.897   1.00 21.05 ? 7  DA  B N3     1 
ATOM   305 C  C4     . DA  B 1 7 ? -7.280  -4.902  1.305   1.00 19.29 ? 7  DA  B C4     1 
ATOM   306 P  P      . DC  B 1 8 ? -10.561 -9.567  4.171   1.00 27.23 ? 8  DC  B P      1 
ATOM   307 O  OP1    . DC  B 1 8 ? -11.586 -10.230 5.023   1.00 32.27 ? 8  DC  B OP1    1 
ATOM   308 O  OP2    . DC  B 1 8 ? -9.300  -10.290 3.850   1.00 29.67 ? 8  DC  B OP2    1 
ATOM   309 O  "O5'"  . DC  B 1 8 ? -11.246 -9.162  2.795   1.00 28.16 ? 8  DC  B "O5'"  1 
ATOM   310 C  "C5'"  . DC  B 1 8 ? -12.486 -8.465  2.787   1.00 26.88 ? 8  DC  B "C5'"  1 
ATOM   311 C  "C4'"  . DC  B 1 8 ? -12.735 -7.857  1.428   1.00 27.10 ? 8  DC  B "C4'"  1 
ATOM   312 O  "O4'"  . DC  B 1 8 ? -11.672 -6.935  1.105   1.00 26.97 ? 8  DC  B "O4'"  1 
ATOM   313 C  "C3'"  . DC  B 1 8 ? -12.749 -8.828  0.256   1.00 27.90 ? 8  DC  B "C3'"  1 
ATOM   314 O  "O3'"  . DC  B 1 8 ? -13.983 -9.553  0.164   1.00 28.60 ? 8  DC  B "O3'"  1 
ATOM   315 C  "C2'"  . DC  B 1 8 ? -12.498 -7.893  -0.910  1.00 28.09 ? 8  DC  B "C2'"  1 
ATOM   316 C  "C1'"  . DC  B 1 8 ? -11.505 -6.890  -0.315  1.00 26.95 ? 8  DC  B "C1'"  1 
ATOM   317 N  N1     . DC  B 1 8 ? -10.103 -7.217  -0.636  1.00 26.10 ? 8  DC  B N1     1 
ATOM   318 C  C2     . DC  B 1 8 ? -9.534  -6.655  -1.789  1.00 25.15 ? 8  DC  B C2     1 
ATOM   319 O  O2     . DC  B 1 8 ? -10.207 -5.856  -2.461  1.00 26.30 ? 8  DC  B O2     1 
ATOM   320 N  N3     . DC  B 1 8 ? -8.274  -6.994  -2.140  1.00 23.75 ? 8  DC  B N3     1 
ATOM   321 C  C4     . DC  B 1 8 ? -7.580  -7.850  -1.388  1.00 23.15 ? 8  DC  B C4     1 
ATOM   322 N  N4     . DC  B 1 8 ? -6.353  -8.170  -1.790  1.00 24.57 ? 8  DC  B N4     1 
ATOM   323 C  C5     . DC  B 1 8 ? -8.121  -8.416  -0.193  1.00 24.12 ? 8  DC  B C5     1 
ATOM   324 C  C6     . DC  B 1 8 ? -9.375  -8.072  0.144   1.00 24.54 ? 8  DC  B C6     1 
HETATM 325 O  O      . HOH C 2 . ? -12.128 -4.579  -6.085  1.00 43.48 ? 24 HOH A O      1 
HETATM 326 O  O      . HOH C 2 . ? -0.675  6.794   4.154   1.00 48.11 ? 31 HOH A O      1 
HETATM 327 O  O      . HOH C 2 . ? 0.329   6.424   1.628   1.00 44.51 ? 35 HOH A O      1 
HETATM 328 O  O      . HOH C 2 . ? 3.969   7.517   3.323   1.00 37.32 ? 38 HOH A O      1 
HETATM 329 O  O      . HOH C 2 . ? -2.323  -2.924  -3.243  1.00 38.91 ? 41 HOH A O      1 
HETATM 330 O  O      . HOH C 2 . ? -3.797  6.171   1.262   1.00 34.51 ? 46 HOH A O      1 
HETATM 331 O  O      . HOH C 2 . ? -3.337  -0.080  -4.110  1.00 31.67 ? 50 HOH A O      1 
HETATM 332 O  O      . HOH C 2 . ? 7.389   9.128   5.068   1.00 36.41 ? 60 HOH A O      1 
HETATM 333 O  O      . HOH C 2 . ? -1.498  1.043   -1.985  1.00 39.95 ? 69 HOH A O      1 
HETATM 334 O  O      . HOH C 2 . ? -0.601  3.387   -1.162  1.00 37.66 ? 71 HOH A O      1 
HETATM 335 O  O      . HOH C 2 . ? -4.519  5.906   -4.289  1.00 48.51 ? 80 HOH A O      1 
HETATM 336 O  O      . HOH C 2 . ? -2.589  -2.658  -7.956  1.00 48.11 ? 88 HOH A O      1 
HETATM 337 O  O      . HOH D 2 . ? 7.482   -0.865  -11.132 1.00 38.41 ? 12 HOH B O      1 
HETATM 338 O  O      . HOH D 2 . ? 1.984   3.850   -2.106  1.00 32.99 ? 13 HOH B O      1 
HETATM 339 O  O      . HOH D 2 . ? 11.084  3.947   -2.106  1.00 31.28 ? 14 HOH B O      1 
HETATM 340 O  O      . HOH D 2 . ? -14.052 -11.472 -1.498  1.00 43.90 ? 22 HOH B O      1 
HETATM 341 O  O      . HOH D 2 . ? -0.151  -3.154  7.824   1.00 38.71 ? 23 HOH B O      1 
HETATM 342 O  O      . HOH D 2 . ? -16.974 -11.887 -2.031  1.00 35.86 ? 26 HOH B O      1 
HETATM 343 O  O      . HOH D 2 . ? -14.187 -11.059 4.635   1.00 39.56 ? 30 HOH B O      1 
HETATM 344 O  O      . HOH D 2 . ? 6.126   -4.764  -7.135  1.00 46.56 ? 32 HOH B O      1 
HETATM 345 O  O      . HOH D 2 . ? 1.517   -4.451  -0.649  1.00 35.44 ? 33 HOH B O      1 
HETATM 346 O  O      . HOH D 2 . ? 2.250   1.453   -10.670 1.00 43.01 ? 36 HOH B O      1 
HETATM 347 O  O      . HOH D 2 . ? 4.113   -4.007  -4.992  1.00 50.03 ? 37 HOH B O      1 
HETATM 348 O  O      . HOH D 2 . ? 0.932   0.222   -2.488  1.00 35.43 ? 39 HOH B O      1 
HETATM 349 O  O      . HOH D 2 . ? 1.258   -7.772  1.241   1.00 42.40 ? 44 HOH B O      1 
HETATM 350 O  O      . HOH D 2 . ? -4.786  -10.122 -0.410  1.00 34.76 ? 45 HOH B O      1 
HETATM 351 O  O      . HOH D 2 . ? 2.948   1.472   -4.399  1.00 42.69 ? 48 HOH B O      1 
HETATM 352 O  O      . HOH D 2 . ? 1.615   10.152  -7.373  1.00 47.24 ? 53 HOH B O      1 
HETATM 353 O  O      . HOH D 2 . ? -3.383  -8.068  0.884   1.00 45.12 ? 58 HOH B O      1 
HETATM 354 O  O      . HOH D 2 . ? -11.035 -3.434  -2.638  1.00 37.06 ? 59 HOH B O      1 
HETATM 355 O  O      . HOH D 2 . ? 3.837   4.399   -13.071 1.00 40.46 ? 64 HOH B O      1 
HETATM 356 O  O      . HOH D 2 . ? -12.082 -9.806  8.075   1.00 47.03 ? 72 HOH B O      1 
HETATM 357 O  O      . HOH D 2 . ? 7.347   -9.930  5.715   1.00 46.01 ? 76 HOH B O      1 
HETATM 358 O  O      . HOH D 2 . ? 7.757   -9.276  -1.231  1.00 50.39 ? 83 HOH B O      1 
HETATM 359 O  O      . HOH D 2 . ? 2.265   -2.594  8.725   1.00 45.18 ? 90 HOH B O      1 
# 
